data_8D4B
#
_entry.id   8D4B
#
_cell.length_a   1.00
_cell.length_b   1.00
_cell.length_c   1.00
_cell.angle_alpha   90.00
_cell.angle_beta   90.00
_cell.angle_gamma   90.00
#
_symmetry.space_group_name_H-M   'P 1'
#
loop_
_entity.id
_entity.type
_entity.pdbx_description
1 polymer 'OrfB_Zn_ribbon domain-containing protein'
2 polymer 'RNA (41-MER)'
3 polymer 'RNA (28-MER)'
#
loop_
_entity_poly.entity_id
_entity_poly.type
_entity_poly.pdbx_seq_one_letter_code
_entity_poly.pdbx_strand_id
1 'polypeptide(L)'
;MLHAFTNQYQLSKTLRFGATLKEDEKKCKSHEELKGFVDISYENMKSSATIAESLNENELVKKCERCYSEIVKFHNAWEK
IYYRTDQIAVYKDFYRQLSRKARFDAGKQNSQLITLASLCGMYQGAKLSRYITNYWKDNITRQKSFLKDFSQQLHQYTRA
LEKSDKAHTKPNLINFNKTFMVLANLVNEIVIPLSNGAISFPNISKLEDGEESHLIEFALNDYSQLSELIGELKDAIATN
GGYTPFAKVTLNHYTAEQKPHVFKNDIDAKIRELKLIGLVETLKGKSSEQIEEYFSNLDKFSTYNDRNQSVIVRTQCFKY
KPIPFLVKHQLAKYISEPNGWDEDAVAKVLDAVGAIRSPAHDYANNQEGFDLNHYPIKVAFDYAWEQLANSLYTTVTFPQ
EMCEKYLNSIYGCEVSKEPVFKFYADLLYIRKNLAVLEHKNNLPSNQEEFICKINNTFENIVLPYKISQFETYKKDILAW
INDGHDHKKYTDAKQQLGFIRGGLKGRIKAEEVSQKDKYGKIKSYYENPYTKLTNEFKQISSTYGKTFAELRDKFKEKNE
ITKITHFGIIIEDKNRDRYLLASELKHEQINHVSTILNKLDKSSEFITYQVKSLTSKTLIKLIKNHTTKKGAISPYADFH
TSKTGFNKNEIEKNWDNYKREQVLVEYVKDCLTDSTMAKNQNWAEFGWNFEKCNSYEDIEHEIDQKSYLLQSDTISKQSI
ASLVEGGCLLLPIINQDITSKERKDKNQFSKDWNHIFEGSKEFRLHPEFAVSYRTPIEGYPVQKRYGRLQFVCAFNAHIV
PQNGEFINLKKQIENFNDEDVQKRNVTEFNKKVNHALSDKEYVVIGIDRGLKQLATLCVLDKRGKILGDFEIYKKEFVRA
EKRSESHWEHTQAETRHILDLSNLRVETTIEGKKVLVDQSLTLVKKNRDTPDEEATEENKQKIKLKQLSYIRKLQHKMQT
NEQDVLDLINNEPSDEEFKKRIEGLISSFGEGQKYADLPINTMREMISDLQGVIARGNNQTEKNKIIELDAADNLKQGIV
ANMIGIVNYIFAKYSYKAYISLEDLSRAYGGAKSGYDGRYLPSTSQDEDVDFKEQQNQMLAGLGTYQFFEMQLLKKLQKI
QSDNTVLRFVPAFRSADNYRNILRLEETKYKSKPFGVVHFIDPKFTSKKCPVCSKTNVYRDKDDILVCKECGFRSDSQLK
ERENNIHYIHNGDDNGAYHIALKSVENLIQMK
;
A
2 'polyribonucleotide' AUUUCUACUAUUGUAGAUUGGAGCAACACCUGAAGAAGGCU B
3 'polyribonucleotide' AGCCUUCUUCAGGUGUUGCUUUAGAAAG C
#
# COMPACT_ATOMS: atom_id res chain seq x y z
N PHE A 5 15.59 26.79 6.19
CA PHE A 5 14.96 25.53 6.54
C PHE A 5 13.56 25.46 5.97
N THR A 6 13.26 26.34 5.03
CA THR A 6 11.96 26.35 4.40
C THR A 6 11.80 25.15 3.49
N ASN A 7 10.54 24.76 3.28
CA ASN A 7 10.20 23.59 2.48
C ASN A 7 10.16 24.01 1.02
N GLN A 8 10.96 23.35 0.19
CA GLN A 8 11.01 23.63 -1.24
C GLN A 8 10.45 22.49 -2.08
N TYR A 9 9.80 21.52 -1.47
CA TYR A 9 9.27 20.36 -2.16
C TYR A 9 7.76 20.37 -2.11
N GLN A 10 7.13 19.93 -3.19
CA GLN A 10 5.69 19.74 -3.18
C GLN A 10 5.34 18.49 -2.39
N LEU A 11 4.26 18.58 -1.60
CA LEU A 11 3.86 17.48 -0.74
C LEU A 11 2.36 17.23 -0.89
N SER A 12 1.97 15.97 -0.91
CA SER A 12 0.58 15.58 -0.84
C SER A 12 0.24 15.21 0.60
N LYS A 13 -1.02 15.42 0.97
CA LYS A 13 -1.47 15.17 2.33
C LYS A 13 -2.95 14.84 2.29
N THR A 14 -3.27 13.57 2.48
CA THR A 14 -4.67 13.14 2.51
C THR A 14 -5.29 13.50 3.85
N LEU A 15 -6.28 14.38 3.83
CA LEU A 15 -7.01 14.78 5.03
C LEU A 15 -8.35 14.05 5.01
N ARG A 16 -8.47 12.98 5.78
CA ARG A 16 -9.71 12.24 5.83
C ARG A 16 -10.69 12.90 6.77
N PHE A 17 -11.95 12.96 6.33
CA PHE A 17 -13.02 13.56 7.13
C PHE A 17 -14.23 12.65 7.08
N GLY A 18 -14.86 12.44 8.24
CA GLY A 18 -16.06 11.65 8.29
C GLY A 18 -17.23 12.37 7.67
N ALA A 19 -18.16 11.58 7.13
CA ALA A 19 -19.35 12.13 6.50
C ALA A 19 -20.63 11.52 7.07
N THR A 20 -20.58 11.06 8.32
CA THR A 20 -21.72 10.45 8.98
C THR A 20 -21.91 11.15 10.32
N LEU A 21 -23.07 11.77 10.52
CA LEU A 21 -23.31 12.50 11.75
C LEU A 21 -23.60 11.53 12.89
N LYS A 22 -22.73 11.55 13.89
CA LYS A 22 -22.98 10.78 15.11
C LYS A 22 -24.14 11.42 15.86
N GLU A 23 -25.05 10.60 16.37
CA GLU A 23 -26.27 11.09 16.99
C GLU A 23 -26.34 10.70 18.47
N ASP A 24 -25.19 10.54 19.11
CA ASP A 24 -25.16 10.28 20.54
C ASP A 24 -25.61 11.52 21.30
N GLU A 25 -26.21 11.30 22.47
CA GLU A 25 -26.58 12.39 23.35
C GLU A 25 -25.37 13.12 23.93
N LYS A 26 -24.21 12.47 23.95
CA LYS A 26 -22.96 13.08 24.40
C LYS A 26 -22.09 13.50 23.22
N LYS A 27 -22.72 13.98 22.15
CA LYS A 27 -22.05 14.55 21.00
C LYS A 27 -22.74 15.86 20.64
N CYS A 28 -21.96 16.91 20.43
CA CYS A 28 -22.53 18.21 20.12
C CYS A 28 -23.19 18.20 18.76
N LYS A 29 -24.42 18.69 18.68
CA LYS A 29 -25.14 18.73 17.42
C LYS A 29 -24.48 19.74 16.49
N SER A 30 -24.19 19.30 15.27
CA SER A 30 -23.56 20.15 14.27
C SER A 30 -24.28 19.95 12.96
N HIS A 31 -24.04 20.87 12.03
CA HIS A 31 -24.70 20.91 10.72
C HIS A 31 -26.22 20.96 10.87
N GLU A 32 -26.68 21.92 11.66
CA GLU A 32 -28.08 21.98 12.03
C GLU A 32 -28.92 22.77 11.03
N GLU A 33 -28.31 23.74 10.35
CA GLU A 33 -29.05 24.54 9.37
C GLU A 33 -29.48 23.74 8.16
N LEU A 34 -28.73 22.70 7.80
CA LEU A 34 -29.09 21.80 6.71
C LEU A 34 -29.20 20.38 7.22
N LYS A 35 -29.71 20.23 8.44
CA LYS A 35 -29.78 18.92 9.07
C LYS A 35 -30.76 18.00 8.37
N GLY A 36 -31.90 18.55 7.93
CA GLY A 36 -32.87 17.76 7.22
C GLY A 36 -32.34 17.22 5.91
N PHE A 37 -31.57 18.04 5.19
CA PHE A 37 -30.99 17.58 3.93
C PHE A 37 -29.85 16.60 4.16
N VAL A 38 -29.13 16.74 5.27
CA VAL A 38 -28.11 15.76 5.63
C VAL A 38 -28.75 14.41 5.91
N ASP A 39 -29.85 14.39 6.67
CA ASP A 39 -30.51 13.14 6.99
C ASP A 39 -31.21 12.53 5.77
N ILE A 40 -31.72 13.37 4.87
CA ILE A 40 -32.29 12.87 3.62
C ILE A 40 -31.21 12.22 2.78
N SER A 41 -30.05 12.85 2.66
CA SER A 41 -28.99 12.32 1.81
C SER A 41 -28.31 11.10 2.44
N TYR A 42 -28.38 10.97 3.76
CA TYR A 42 -27.85 9.78 4.41
C TYR A 42 -28.65 8.54 4.04
N GLU A 43 -29.98 8.67 3.98
CA GLU A 43 -30.83 7.56 3.55
C GLU A 43 -30.58 7.23 2.08
N ASN A 44 -30.25 8.24 1.27
CA ASN A 44 -29.86 7.99 -0.11
C ASN A 44 -28.55 7.21 -0.17
N MET A 45 -27.59 7.57 0.69
CA MET A 45 -26.29 6.89 0.66
C MET A 45 -26.36 5.54 1.35
N LYS A 46 -27.29 5.37 2.29
CA LYS A 46 -27.41 4.08 2.96
C LYS A 46 -28.05 3.04 2.04
N SER A 47 -28.96 3.47 1.17
CA SER A 47 -29.65 2.55 0.27
C SER A 47 -28.75 1.97 -0.80
N SER A 48 -27.67 2.66 -1.19
CA SER A 48 -26.78 2.18 -2.23
C SER A 48 -25.41 1.79 -1.67
N ALA A 49 -25.35 1.48 -0.39
CA ALA A 49 -24.14 0.95 0.24
C ALA A 49 -24.48 -0.39 0.86
N THR A 50 -23.77 -1.43 0.42
CA THR A 50 -24.06 -2.80 0.85
C THR A 50 -23.68 -3.02 2.30
N GLU A 57 -14.62 -17.74 -0.72
CA GLU A 57 -13.88 -17.82 -1.98
C GLU A 57 -14.51 -18.87 -2.89
N ASN A 58 -15.53 -19.56 -2.39
CA ASN A 58 -16.33 -20.45 -3.23
C ASN A 58 -17.68 -19.81 -3.54
N GLU A 59 -18.26 -19.08 -2.59
CA GLU A 59 -19.46 -18.29 -2.85
C GLU A 59 -19.15 -17.13 -3.79
N LEU A 60 -17.97 -16.53 -3.64
CA LEU A 60 -17.53 -15.46 -4.54
C LEU A 60 -17.47 -15.94 -5.98
N VAL A 61 -16.98 -17.16 -6.18
CA VAL A 61 -16.81 -17.65 -7.54
C VAL A 61 -18.10 -18.25 -8.08
N LYS A 62 -19.00 -18.71 -7.21
CA LYS A 62 -20.35 -19.00 -7.68
C LYS A 62 -21.04 -17.73 -8.16
N LYS A 63 -20.86 -16.63 -7.44
CA LYS A 63 -21.44 -15.36 -7.86
C LYS A 63 -20.77 -14.84 -9.14
N CYS A 64 -19.46 -15.08 -9.28
CA CYS A 64 -18.76 -14.71 -10.50
C CYS A 64 -19.23 -15.52 -11.70
N GLU A 65 -19.49 -16.81 -11.50
CA GLU A 65 -19.99 -17.66 -12.57
C GLU A 65 -21.42 -17.27 -12.95
N ARG A 66 -22.23 -16.86 -11.97
CA ARG A 66 -23.55 -16.33 -12.28
C ARG A 66 -23.45 -15.01 -13.04
N CYS A 67 -22.51 -14.16 -12.65
CA CYS A 67 -22.32 -12.89 -13.33
C CYS A 67 -21.76 -13.09 -14.74
N TYR A 68 -20.82 -14.02 -14.89
CA TYR A 68 -20.22 -14.27 -16.19
C TYR A 68 -21.27 -14.75 -17.19
N SER A 69 -22.20 -15.59 -16.73
CA SER A 69 -23.28 -16.04 -17.60
C SER A 69 -24.20 -14.89 -18.01
N GLU A 70 -24.45 -13.94 -17.10
CA GLU A 70 -25.31 -12.81 -17.44
C GLU A 70 -24.60 -11.81 -18.34
N ILE A 71 -23.29 -11.62 -18.15
CA ILE A 71 -22.59 -10.66 -18.99
C ILE A 71 -22.16 -11.28 -20.31
N VAL A 72 -22.08 -12.61 -20.41
CA VAL A 72 -21.95 -13.23 -21.72
C VAL A 72 -23.26 -13.12 -22.49
N LYS A 73 -24.38 -13.35 -21.81
CA LYS A 73 -25.69 -13.18 -22.44
C LYS A 73 -25.91 -11.74 -22.87
N PHE A 74 -25.57 -10.79 -22.00
CA PHE A 74 -25.71 -9.38 -22.34
C PHE A 74 -24.75 -8.97 -23.46
N HIS A 75 -23.52 -9.49 -23.43
CA HIS A 75 -22.55 -9.16 -24.46
C HIS A 75 -22.99 -9.69 -25.82
N ASN A 76 -23.47 -10.93 -25.86
CA ASN A 76 -23.91 -11.52 -27.12
C ASN A 76 -25.20 -10.88 -27.62
N ALA A 77 -26.04 -10.37 -26.72
CA ALA A 77 -27.22 -9.64 -27.18
C ALA A 77 -26.84 -8.25 -27.68
N TRP A 78 -25.93 -7.57 -26.98
CA TRP A 78 -25.55 -6.21 -27.35
C TRP A 78 -24.76 -6.18 -28.65
N GLU A 79 -24.05 -7.27 -28.96
CA GLU A 79 -23.25 -7.29 -30.18
C GLU A 79 -24.13 -7.28 -31.42
N LYS A 80 -25.40 -7.67 -31.31
CA LYS A 80 -26.32 -7.65 -32.43
C LYS A 80 -27.28 -6.47 -32.42
N ILE A 81 -27.10 -5.51 -31.51
CA ILE A 81 -27.98 -4.35 -31.39
C ILE A 81 -27.24 -3.05 -31.70
N TYR A 82 -25.96 -2.96 -31.31
CA TYR A 82 -25.22 -1.70 -31.30
C TYR A 82 -25.12 -1.05 -32.68
N TYR A 83 -25.10 -1.86 -33.74
CA TYR A 83 -24.95 -1.32 -35.09
C TYR A 83 -26.28 -1.01 -35.76
N ARG A 84 -27.40 -1.41 -35.15
CA ARG A 84 -28.72 -1.15 -35.71
C ARG A 84 -29.15 0.25 -35.26
N THR A 85 -28.56 1.24 -35.91
CA THR A 85 -28.59 2.62 -35.41
C THR A 85 -29.96 3.28 -35.54
N ASP A 86 -30.91 2.66 -36.24
CA ASP A 86 -32.23 3.26 -36.33
C ASP A 86 -33.07 3.06 -35.07
N GLN A 87 -32.55 2.34 -34.08
CA GLN A 87 -33.28 2.04 -32.84
C GLN A 87 -32.71 2.75 -31.63
N ILE A 88 -31.39 2.92 -31.54
CA ILE A 88 -30.77 3.52 -30.37
C ILE A 88 -30.99 5.02 -30.38
N ALA A 89 -31.37 5.57 -29.22
CA ALA A 89 -31.44 7.00 -29.00
C ALA A 89 -30.61 7.35 -27.77
N VAL A 90 -30.09 8.57 -27.74
CA VAL A 90 -29.22 9.02 -26.66
C VAL A 90 -29.73 10.32 -26.09
N TYR A 91 -29.53 10.50 -24.78
CA TYR A 91 -29.82 11.78 -24.15
C TYR A 91 -28.77 12.82 -24.53
N LYS A 92 -29.08 14.09 -24.29
CA LYS A 92 -28.18 15.15 -24.71
C LYS A 92 -26.88 15.13 -23.92
N ASP A 93 -26.97 14.91 -22.61
CA ASP A 93 -25.77 14.78 -21.80
C ASP A 93 -24.97 13.56 -22.21
N PHE A 94 -25.66 12.45 -22.50
CA PHE A 94 -24.97 11.25 -22.97
C PHE A 94 -24.33 11.47 -24.34
N TYR A 95 -25.02 12.21 -25.23
CA TYR A 95 -24.44 12.48 -26.54
C TYR A 95 -23.22 13.38 -26.44
N ARG A 96 -23.24 14.34 -25.52
CA ARG A 96 -22.06 15.20 -25.33
C ARG A 96 -20.90 14.42 -24.72
N GLN A 97 -21.19 13.54 -23.76
CA GLN A 97 -20.15 12.69 -23.20
C GLN A 97 -19.63 11.69 -24.24
N LEU A 98 -20.46 11.30 -25.20
CA LEU A 98 -19.99 10.47 -26.31
C LEU A 98 -19.13 11.29 -27.27
N SER A 99 -19.45 12.56 -27.45
CA SER A 99 -18.61 13.44 -28.26
C SER A 99 -17.23 13.57 -27.64
N ARG A 100 -17.17 13.63 -26.31
CA ARG A 100 -15.86 13.65 -25.65
C ARG A 100 -15.18 12.29 -25.72
N LYS A 101 -15.94 11.20 -25.56
CA LYS A 101 -15.33 9.88 -25.45
C LYS A 101 -14.96 9.31 -26.82
N ALA A 102 -15.87 9.40 -27.78
CA ALA A 102 -15.58 8.94 -29.14
C ALA A 102 -14.84 9.99 -29.96
N ARG A 103 -14.50 11.12 -29.34
CA ARG A 103 -13.60 12.13 -29.90
C ARG A 103 -14.13 12.72 -31.21
N PHE A 104 -15.26 13.38 -31.11
CA PHE A 104 -15.81 14.15 -32.22
C PHE A 104 -16.49 15.40 -31.67
N ASP A 105 -17.09 16.18 -32.58
CA ASP A 105 -17.73 17.43 -32.22
C ASP A 105 -19.21 17.17 -32.03
N ALA A 106 -19.75 17.62 -30.90
CA ALA A 106 -21.18 17.48 -30.65
C ALA A 106 -22.00 18.26 -31.66
N GLY A 107 -21.58 19.48 -31.99
CA GLY A 107 -22.37 20.32 -32.87
C GLY A 107 -23.60 20.84 -32.16
N LYS A 108 -24.61 21.17 -32.95
CA LYS A 108 -25.88 21.67 -32.43
C LYS A 108 -26.95 20.62 -32.62
N GLN A 109 -27.43 20.05 -31.51
CA GLN A 109 -28.56 19.14 -31.49
C GLN A 109 -29.69 19.82 -30.73
N ASN A 110 -30.75 20.17 -31.45
CA ASN A 110 -31.85 20.94 -30.87
C ASN A 110 -32.94 20.06 -30.27
N SER A 111 -32.61 18.82 -29.91
CA SER A 111 -33.57 17.91 -29.30
C SER A 111 -32.98 17.35 -28.01
N GLN A 112 -33.86 17.11 -27.03
CA GLN A 112 -33.43 16.46 -25.80
C GLN A 112 -33.13 14.98 -26.02
N LEU A 113 -33.89 14.31 -26.87
CA LEU A 113 -33.62 12.93 -27.25
C LEU A 113 -33.07 12.92 -28.67
N ILE A 114 -31.86 12.40 -28.82
CA ILE A 114 -31.19 12.34 -30.11
C ILE A 114 -31.22 10.90 -30.59
N THR A 115 -32.14 10.60 -31.49
CA THR A 115 -32.19 9.29 -32.12
C THR A 115 -31.01 9.19 -33.09
N LEU A 116 -30.37 8.01 -33.14
CA LEU A 116 -29.22 7.82 -34.03
C LEU A 116 -29.66 7.60 -35.47
N ALA A 117 -30.97 7.65 -35.74
CA ALA A 117 -31.45 7.81 -37.11
C ALA A 117 -31.10 9.19 -37.64
N SER A 118 -30.88 10.15 -36.74
CA SER A 118 -30.21 11.40 -37.07
C SER A 118 -28.70 11.14 -37.11
N LEU A 119 -27.90 12.20 -37.04
CA LEU A 119 -26.45 12.15 -37.15
C LEU A 119 -25.99 11.59 -38.49
N CYS A 120 -26.78 11.81 -39.54
CA CYS A 120 -26.38 11.45 -40.89
C CYS A 120 -25.41 12.46 -41.49
N GLY A 121 -25.13 13.56 -40.79
CA GLY A 121 -24.16 14.51 -41.27
C GLY A 121 -22.75 13.97 -41.21
N MET A 122 -21.82 14.78 -41.68
CA MET A 122 -20.44 14.37 -41.82
C MET A 122 -19.55 15.12 -40.84
N TYR A 123 -18.62 14.39 -40.22
CA TYR A 123 -17.60 15.03 -39.39
C TYR A 123 -16.28 14.31 -39.62
N GLN A 124 -15.33 15.01 -40.25
CA GLN A 124 -13.98 14.53 -40.49
C GLN A 124 -14.03 13.22 -41.28
N GLY A 125 -14.77 13.24 -42.39
CA GLY A 125 -14.80 12.14 -43.32
C GLY A 125 -15.62 10.93 -42.92
N ALA A 126 -16.57 11.08 -42.01
CA ALA A 126 -17.37 9.95 -41.56
C ALA A 126 -18.71 10.41 -41.04
N LYS A 127 -19.63 9.46 -40.90
CA LYS A 127 -20.92 9.72 -40.29
C LYS A 127 -20.76 9.91 -38.79
N LEU A 128 -21.56 10.81 -38.21
CA LEU A 128 -21.46 11.08 -36.78
C LEU A 128 -21.90 9.87 -35.96
N SER A 129 -22.93 9.15 -36.42
CA SER A 129 -23.35 7.95 -35.71
C SER A 129 -22.33 6.82 -35.85
N ARG A 130 -21.51 6.85 -36.91
CA ARG A 130 -20.49 5.83 -37.08
C ARG A 130 -19.40 5.94 -36.03
N TYR A 131 -19.13 7.15 -35.52
CA TYR A 131 -18.17 7.28 -34.43
C TYR A 131 -18.69 6.64 -33.15
N ILE A 132 -19.98 6.82 -32.86
CA ILE A 132 -20.59 6.19 -31.69
C ILE A 132 -20.60 4.67 -31.85
N THR A 133 -20.97 4.20 -33.04
CA THR A 133 -21.00 2.76 -33.30
C THR A 133 -19.60 2.16 -33.25
N ASN A 134 -18.59 2.88 -33.75
CA ASN A 134 -17.22 2.37 -33.69
C ASN A 134 -16.68 2.37 -32.28
N TYR A 135 -17.04 3.37 -31.47
CA TYR A 135 -16.66 3.36 -30.06
C TYR A 135 -17.28 2.17 -29.35
N TRP A 136 -18.56 1.89 -29.63
CA TRP A 136 -19.20 0.75 -29.00
C TRP A 136 -18.64 -0.57 -29.53
N LYS A 137 -18.25 -0.62 -30.81
CA LYS A 137 -17.63 -1.82 -31.37
C LYS A 137 -16.27 -2.10 -30.74
N ASP A 138 -15.48 -1.04 -30.54
CA ASP A 138 -14.21 -1.19 -29.84
C ASP A 138 -14.44 -1.62 -28.39
N ASN A 139 -15.48 -1.08 -27.77
CA ASN A 139 -15.83 -1.50 -26.41
C ASN A 139 -16.21 -2.98 -26.37
N ILE A 140 -16.98 -3.43 -27.36
CA ILE A 140 -17.39 -4.83 -27.45
C ILE A 140 -16.17 -5.72 -27.66
N THR A 141 -15.25 -5.31 -28.53
CA THR A 141 -14.04 -6.10 -28.78
C THR A 141 -13.18 -6.21 -27.52
N ARG A 142 -12.98 -5.09 -26.81
CA ARG A 142 -12.17 -5.13 -25.60
C ARG A 142 -12.83 -5.97 -24.51
N GLN A 143 -14.15 -5.85 -24.34
CA GLN A 143 -14.80 -6.67 -23.33
C GLN A 143 -14.92 -8.12 -23.77
N LYS A 144 -14.84 -8.41 -25.07
CA LYS A 144 -14.81 -9.78 -25.53
C LYS A 144 -13.46 -10.43 -25.23
N SER A 145 -12.37 -9.68 -25.42
CA SER A 145 -11.06 -10.18 -25.04
C SER A 145 -10.97 -10.40 -23.53
N PHE A 146 -11.51 -9.46 -22.75
CA PHE A 146 -11.48 -9.63 -21.31
C PHE A 146 -12.46 -10.69 -20.84
N LEU A 147 -13.54 -10.93 -21.59
CA LEU A 147 -14.42 -12.04 -21.29
C LEU A 147 -13.73 -13.38 -21.57
N LYS A 148 -12.91 -13.44 -22.61
CA LYS A 148 -12.12 -14.64 -22.86
C LYS A 148 -11.12 -14.90 -21.73
N ASP A 149 -10.42 -13.85 -21.30
CA ASP A 149 -9.45 -14.00 -20.21
C ASP A 149 -10.15 -14.39 -18.90
N PHE A 150 -11.27 -13.74 -18.59
CA PHE A 150 -12.00 -14.06 -17.38
C PHE A 150 -12.65 -15.43 -17.46
N SER A 151 -13.06 -15.84 -18.65
CA SER A 151 -13.58 -17.19 -18.86
C SER A 151 -12.52 -18.23 -18.59
N GLN A 152 -11.30 -18.01 -19.08
CA GLN A 152 -10.20 -18.92 -18.81
C GLN A 152 -9.94 -19.04 -17.32
N GLN A 153 -9.81 -17.90 -16.63
CA GLN A 153 -9.55 -17.92 -15.19
C GLN A 153 -10.72 -18.55 -14.42
N LEU A 154 -11.94 -18.26 -14.83
CA LEU A 154 -13.11 -18.71 -14.09
C LEU A 154 -13.31 -20.22 -14.24
N HIS A 155 -13.21 -20.74 -15.47
CA HIS A 155 -13.31 -22.19 -15.62
C HIS A 155 -12.13 -22.91 -15.01
N GLN A 156 -10.94 -22.30 -15.01
CA GLN A 156 -9.82 -22.89 -14.29
C GLN A 156 -10.10 -22.99 -12.80
N TYR A 157 -10.66 -21.94 -12.22
CA TYR A 157 -10.79 -21.94 -10.77
C TYR A 157 -11.97 -22.80 -10.36
N THR A 158 -13.00 -22.85 -11.20
CA THR A 158 -14.13 -23.76 -11.02
C THR A 158 -13.70 -25.21 -11.11
N ARG A 159 -12.85 -25.54 -12.09
CA ARG A 159 -12.30 -26.88 -12.19
C ARG A 159 -11.47 -27.24 -10.97
N ALA A 160 -10.76 -26.26 -10.42
CA ALA A 160 -10.03 -26.49 -9.18
C ALA A 160 -10.95 -26.61 -7.98
N LEU A 161 -12.15 -26.03 -8.06
CA LEU A 161 -13.07 -26.04 -6.92
C LEU A 161 -13.87 -27.34 -6.84
N GLU A 162 -14.58 -27.71 -7.90
CA GLU A 162 -15.44 -28.88 -7.85
C GLU A 162 -14.72 -30.18 -8.15
N LYS A 163 -13.39 -30.16 -8.16
CA LYS A 163 -12.58 -31.38 -8.15
C LYS A 163 -11.49 -31.19 -7.12
N SER A 164 -11.68 -31.78 -5.94
CA SER A 164 -10.75 -31.57 -4.83
C SER A 164 -9.36 -32.16 -5.12
N ASP A 165 -9.26 -33.06 -6.09
CA ASP A 165 -7.97 -33.51 -6.57
C ASP A 165 -7.20 -32.37 -7.22
N LYS A 166 -7.88 -31.49 -7.96
CA LYS A 166 -7.23 -30.45 -8.75
C LYS A 166 -7.17 -29.12 -8.02
N ALA A 167 -7.10 -29.15 -6.69
CA ALA A 167 -7.12 -27.91 -5.90
C ALA A 167 -5.84 -27.09 -6.03
N HIS A 168 -4.80 -27.63 -6.65
CA HIS A 168 -3.54 -26.92 -6.82
C HIS A 168 -3.49 -26.09 -8.08
N THR A 169 -4.55 -26.07 -8.88
CA THR A 169 -4.56 -25.41 -10.17
C THR A 169 -5.32 -24.09 -10.15
N LYS A 170 -5.53 -23.51 -8.98
CA LYS A 170 -6.28 -22.27 -8.88
C LYS A 170 -5.49 -21.13 -9.50
N PRO A 171 -6.15 -20.18 -10.15
CA PRO A 171 -5.46 -18.97 -10.64
C PRO A 171 -5.17 -18.00 -9.51
N ASN A 172 -4.34 -17.01 -9.83
CA ASN A 172 -4.07 -15.93 -8.90
C ASN A 172 -5.34 -15.11 -8.70
N LEU A 173 -5.70 -14.88 -7.43
CA LEU A 173 -6.96 -14.21 -7.14
C LEU A 173 -6.87 -12.71 -7.35
N ILE A 174 -5.69 -12.11 -7.19
CA ILE A 174 -5.54 -10.68 -7.49
C ILE A 174 -5.79 -10.43 -8.96
N ASN A 175 -5.23 -11.27 -9.83
CA ASN A 175 -5.42 -11.09 -11.26
C ASN A 175 -6.85 -11.47 -11.68
N PHE A 176 -7.45 -12.46 -11.00
CA PHE A 176 -8.85 -12.79 -11.22
C PHE A 176 -9.76 -11.61 -10.90
N ASN A 177 -9.54 -11.01 -9.72
CA ASN A 177 -10.32 -9.85 -9.30
C ASN A 177 -10.11 -8.66 -10.24
N LYS A 178 -8.86 -8.39 -10.62
CA LYS A 178 -8.59 -7.23 -11.46
C LYS A 178 -9.06 -7.45 -12.89
N THR A 179 -9.03 -8.68 -13.39
CA THR A 179 -9.63 -8.98 -14.67
C THR A 179 -11.13 -8.73 -14.63
N PHE A 180 -11.77 -9.10 -13.52
CA PHE A 180 -13.20 -8.81 -13.43
C PHE A 180 -13.46 -7.32 -13.27
N MET A 181 -12.58 -6.58 -12.61
CA MET A 181 -12.76 -5.13 -12.52
C MET A 181 -12.66 -4.46 -13.89
N VAL A 182 -11.70 -4.88 -14.72
CA VAL A 182 -11.61 -4.32 -16.07
C VAL A 182 -12.84 -4.71 -16.89
N LEU A 183 -13.25 -5.98 -16.81
CA LEU A 183 -14.42 -6.44 -17.55
C LEU A 183 -15.68 -5.73 -17.07
N ALA A 184 -15.77 -5.50 -15.76
CA ALA A 184 -16.91 -4.78 -15.19
C ALA A 184 -16.96 -3.34 -15.67
N ASN A 185 -15.80 -2.68 -15.76
CA ASN A 185 -15.77 -1.32 -16.31
C ASN A 185 -16.21 -1.31 -17.76
N LEU A 186 -15.74 -2.28 -18.54
CA LEU A 186 -16.05 -2.29 -19.97
C LEU A 186 -17.51 -2.61 -20.22
N VAL A 187 -18.10 -3.51 -19.43
CA VAL A 187 -19.54 -3.78 -19.54
C VAL A 187 -20.34 -2.60 -19.00
N ASN A 188 -19.86 -1.98 -17.91
CA ASN A 188 -20.59 -0.91 -17.25
C ASN A 188 -20.75 0.30 -18.15
N GLU A 189 -19.72 0.60 -18.94
CA GLU A 189 -19.81 1.71 -19.90
C GLU A 189 -20.99 1.57 -20.85
N ILE A 190 -21.40 0.34 -21.18
CA ILE A 190 -22.58 0.11 -21.99
C ILE A 190 -23.84 0.00 -21.15
N VAL A 191 -23.80 -0.74 -20.05
CA VAL A 191 -25.03 -1.13 -19.38
C VAL A 191 -25.54 -0.07 -18.41
N ILE A 192 -24.67 0.80 -17.88
CA ILE A 192 -25.14 1.89 -17.01
C ILE A 192 -26.03 2.88 -17.75
N PRO A 193 -25.68 3.35 -18.96
CA PRO A 193 -26.68 4.12 -19.72
C PRO A 193 -27.93 3.33 -20.10
N LEU A 194 -27.84 2.00 -20.21
CA LEU A 194 -29.04 1.21 -20.46
C LEU A 194 -29.95 1.17 -19.24
N SER A 195 -29.38 1.01 -18.05
CA SER A 195 -30.19 0.99 -16.84
C SER A 195 -30.71 2.38 -16.49
N ASN A 196 -29.93 3.42 -16.81
CA ASN A 196 -30.33 4.79 -16.55
C ASN A 196 -31.22 5.37 -17.64
N GLY A 197 -31.37 4.67 -18.76
CA GLY A 197 -32.18 5.17 -19.86
C GLY A 197 -31.46 6.08 -20.82
N ALA A 198 -30.16 6.30 -20.64
CA ALA A 198 -29.42 7.13 -21.59
C ALA A 198 -29.27 6.46 -22.95
N ILE A 199 -29.41 5.13 -22.99
CA ILE A 199 -29.61 4.39 -24.22
C ILE A 199 -31.01 3.81 -24.16
N SER A 200 -31.91 4.31 -25.01
CA SER A 200 -33.29 3.83 -25.05
C SER A 200 -33.65 3.54 -26.50
N PHE A 201 -34.79 2.88 -26.68
CA PHE A 201 -35.20 2.38 -27.99
C PHE A 201 -36.62 2.86 -28.27
N PRO A 202 -36.76 4.10 -28.76
CA PRO A 202 -38.10 4.66 -28.96
C PRO A 202 -38.85 4.07 -30.14
N ASN A 203 -38.15 3.61 -31.17
CA ASN A 203 -38.80 3.11 -32.37
C ASN A 203 -39.26 1.66 -32.24
N ILE A 204 -39.36 1.15 -31.01
CA ILE A 204 -39.84 -0.22 -30.78
C ILE A 204 -41.36 -0.30 -30.76
N SER A 205 -42.05 0.84 -30.78
CA SER A 205 -43.51 0.84 -30.70
C SER A 205 -44.14 0.24 -31.94
N LYS A 206 -43.45 0.29 -33.08
CA LYS A 206 -43.98 -0.29 -34.30
C LYS A 206 -44.00 -1.82 -34.20
N LEU A 207 -44.98 -2.42 -34.86
CA LEU A 207 -45.24 -3.86 -34.71
C LEU A 207 -44.36 -4.61 -35.71
N GLU A 208 -43.19 -5.06 -35.25
CA GLU A 208 -42.30 -5.89 -36.04
C GLU A 208 -41.78 -7.07 -35.24
N ASP A 209 -42.63 -7.66 -34.39
CA ASP A 209 -42.20 -8.73 -33.51
C ASP A 209 -42.01 -10.05 -34.25
N GLY A 210 -42.49 -10.16 -35.49
CA GLY A 210 -42.31 -11.37 -36.26
C GLY A 210 -40.89 -11.58 -36.76
N GLU A 211 -40.12 -10.49 -36.91
CA GLU A 211 -38.76 -10.58 -37.42
C GLU A 211 -37.73 -9.86 -36.56
N GLU A 212 -38.14 -9.03 -35.60
CA GLU A 212 -37.22 -8.28 -34.77
C GLU A 212 -37.52 -8.48 -33.28
N SER A 213 -37.92 -9.68 -32.88
CA SER A 213 -38.29 -9.91 -31.49
C SER A 213 -37.08 -9.94 -30.56
N HIS A 214 -35.89 -10.19 -31.12
CA HIS A 214 -34.69 -10.27 -30.29
C HIS A 214 -34.35 -8.90 -29.71
N LEU A 215 -34.62 -7.82 -30.44
CA LEU A 215 -34.40 -6.49 -29.90
C LEU A 215 -35.45 -6.16 -28.84
N ILE A 216 -36.66 -6.70 -28.98
CA ILE A 216 -37.72 -6.42 -28.01
C ILE A 216 -37.36 -7.02 -26.65
N GLU A 217 -36.79 -8.23 -26.63
CA GLU A 217 -36.31 -8.80 -25.39
C GLU A 217 -35.15 -8.01 -24.82
N PHE A 218 -34.38 -7.34 -25.69
CA PHE A 218 -33.26 -6.54 -25.22
C PHE A 218 -33.71 -5.26 -24.54
N ALA A 219 -34.68 -4.56 -25.13
CA ALA A 219 -35.02 -3.22 -24.67
C ALA A 219 -35.75 -3.26 -23.33
N LEU A 220 -36.75 -4.13 -23.20
CA LEU A 220 -37.53 -4.17 -21.97
C LEU A 220 -36.90 -5.03 -20.88
N ASN A 221 -35.74 -5.63 -21.14
CA ASN A 221 -35.03 -6.36 -20.10
C ASN A 221 -34.52 -5.39 -19.05
N ASP A 222 -34.61 -5.81 -17.79
CA ASP A 222 -34.18 -4.97 -16.67
C ASP A 222 -32.67 -5.16 -16.52
N TYR A 223 -31.91 -4.20 -17.03
CA TYR A 223 -30.46 -4.20 -16.87
C TYR A 223 -30.02 -3.53 -15.57
N SER A 224 -30.97 -2.98 -14.81
CA SER A 224 -30.68 -2.52 -13.46
C SER A 224 -30.22 -3.69 -12.59
N GLN A 225 -30.81 -4.86 -12.80
CA GLN A 225 -30.43 -6.06 -12.05
C GLN A 225 -29.01 -6.48 -12.35
N LEU A 226 -28.64 -6.50 -13.64
CA LEU A 226 -27.27 -6.82 -14.02
C LEU A 226 -26.29 -5.78 -13.50
N SER A 227 -26.67 -4.49 -13.56
CA SER A 227 -25.79 -3.44 -13.08
C SER A 227 -25.57 -3.55 -11.58
N GLU A 228 -26.62 -3.84 -10.82
CA GLU A 228 -26.44 -3.93 -9.37
C GLU A 228 -25.71 -5.21 -8.99
N LEU A 229 -25.82 -6.27 -9.79
CA LEU A 229 -25.09 -7.50 -9.47
C LEU A 229 -23.60 -7.34 -9.78
N ILE A 230 -23.29 -6.68 -10.89
CA ILE A 230 -21.90 -6.33 -11.21
C ILE A 230 -21.34 -5.40 -10.14
N GLY A 231 -22.14 -4.43 -9.70
CA GLY A 231 -21.71 -3.55 -8.62
C GLY A 231 -21.51 -4.27 -7.31
N GLU A 232 -22.33 -5.28 -7.03
CA GLU A 232 -22.13 -6.12 -5.86
C GLU A 232 -20.78 -6.80 -5.91
N LEU A 233 -20.44 -7.39 -7.06
CA LEU A 233 -19.13 -8.04 -7.19
C LEU A 233 -17.99 -7.04 -7.12
N LYS A 234 -18.17 -5.85 -7.72
CA LYS A 234 -17.12 -4.83 -7.66
C LYS A 234 -16.88 -4.36 -6.24
N ASP A 235 -17.96 -4.11 -5.49
CA ASP A 235 -17.82 -3.66 -4.10
C ASP A 235 -17.25 -4.76 -3.23
N ALA A 236 -17.55 -6.02 -3.57
CA ALA A 236 -16.90 -7.13 -2.87
C ALA A 236 -15.41 -7.16 -3.16
N ILE A 237 -15.02 -6.93 -4.41
CA ILE A 237 -13.62 -6.95 -4.80
C ILE A 237 -12.89 -5.73 -4.24
N ALA A 238 -13.48 -4.55 -4.39
CA ALA A 238 -12.80 -3.30 -4.06
C ALA A 238 -12.73 -3.01 -2.57
N THR A 239 -13.45 -3.76 -1.74
CA THR A 239 -13.44 -3.52 -0.30
C THR A 239 -12.15 -4.07 0.30
N ASN A 240 -11.25 -3.17 0.68
CA ASN A 240 -10.01 -3.54 1.35
C ASN A 240 -9.96 -2.86 2.71
N GLY A 241 -9.74 -3.65 3.76
CA GLY A 241 -9.73 -3.11 5.10
C GLY A 241 -11.08 -2.74 5.65
N GLY A 242 -12.17 -3.19 5.01
CA GLY A 242 -13.50 -2.82 5.42
C GLY A 242 -14.07 -1.58 4.78
N TYR A 243 -13.26 -0.86 3.99
CA TYR A 243 -13.70 0.36 3.34
C TYR A 243 -14.02 0.08 1.88
N THR A 244 -15.23 0.45 1.46
CA THR A 244 -15.64 0.28 0.08
C THR A 244 -15.70 1.64 -0.59
N PRO A 245 -15.11 1.79 -1.78
CA PRO A 245 -15.19 3.07 -2.49
C PRO A 245 -16.62 3.42 -2.86
N PHE A 246 -17.03 4.62 -2.46
CA PHE A 246 -18.37 5.12 -2.73
C PHE A 246 -18.41 6.06 -3.92
N ALA A 247 -17.54 7.07 -3.95
CA ALA A 247 -17.57 8.06 -5.01
C ALA A 247 -16.17 8.67 -5.14
N LYS A 248 -15.98 9.39 -6.25
CA LYS A 248 -14.75 10.15 -6.49
C LYS A 248 -15.19 11.54 -6.95
N VAL A 249 -15.24 12.47 -6.02
CA VAL A 249 -15.80 13.79 -6.24
C VAL A 249 -14.69 14.74 -6.70
N THR A 250 -15.04 15.65 -7.60
CA THR A 250 -14.13 16.70 -8.03
C THR A 250 -14.66 18.04 -7.55
N LEU A 251 -13.75 18.91 -7.11
CA LEU A 251 -14.10 20.28 -6.75
C LEU A 251 -13.83 21.27 -7.86
N ASN A 252 -13.09 20.85 -8.89
CA ASN A 252 -12.90 21.63 -10.12
C ASN A 252 -13.72 20.96 -11.19
N HIS A 253 -14.70 21.67 -11.76
CA HIS A 253 -15.63 21.04 -12.67
C HIS A 253 -15.05 20.79 -14.05
N TYR A 254 -13.91 21.39 -14.38
CA TYR A 254 -13.26 21.08 -15.64
C TYR A 254 -12.58 19.73 -15.60
N THR A 255 -12.25 19.25 -14.40
CA THR A 255 -11.67 17.93 -14.24
C THR A 255 -12.73 16.84 -14.25
N ALA A 256 -14.00 17.20 -14.08
CA ALA A 256 -15.09 16.27 -14.28
C ALA A 256 -15.18 15.86 -15.75
N GLU A 257 -15.85 14.73 -16.00
CA GLU A 257 -15.89 14.08 -17.31
C GLU A 257 -14.48 13.81 -17.82
N GLN A 258 -13.63 13.33 -16.91
CA GLN A 258 -12.23 13.07 -17.18
C GLN A 258 -12.08 11.83 -18.06
N LYS A 259 -11.12 11.89 -18.97
CA LYS A 259 -10.71 10.75 -19.77
C LYS A 259 -9.43 10.15 -19.21
N PRO A 260 -9.23 8.84 -19.37
CA PRO A 260 -8.10 8.18 -18.71
C PRO A 260 -6.75 8.69 -19.20
N HIS A 261 -5.80 8.75 -18.27
CA HIS A 261 -4.44 9.18 -18.59
C HIS A 261 -3.79 8.19 -19.54
N VAL A 262 -2.93 8.70 -20.41
CA VAL A 262 -2.19 7.88 -21.36
C VAL A 262 -0.78 7.73 -20.82
N PHE A 263 -0.43 6.53 -20.41
CA PHE A 263 0.90 6.20 -19.92
C PHE A 263 1.77 5.57 -20.99
N LYS A 264 1.63 6.02 -22.23
CA LYS A 264 2.35 5.44 -23.36
C LYS A 264 3.86 5.52 -23.17
N ASN A 265 4.36 6.69 -22.76
CA ASN A 265 5.79 6.84 -22.52
C ASN A 265 6.25 5.98 -21.35
N ASP A 266 5.42 5.87 -20.31
CA ASP A 266 5.77 5.06 -19.16
C ASP A 266 5.65 3.57 -19.44
N ILE A 267 4.65 3.16 -20.21
CA ILE A 267 4.50 1.76 -20.56
C ILE A 267 5.64 1.32 -21.47
N ASP A 268 5.98 2.15 -22.46
CA ASP A 268 7.04 1.80 -23.40
C ASP A 268 8.40 1.80 -22.75
N ALA A 269 8.57 2.54 -21.65
CA ALA A 269 9.85 2.56 -20.95
C ALA A 269 10.06 1.32 -20.11
N LYS A 270 8.98 0.73 -19.57
CA LYS A 270 9.11 -0.50 -18.79
C LYS A 270 9.39 -1.70 -19.68
N ILE A 271 8.71 -1.77 -20.84
CA ILE A 271 8.97 -2.81 -21.82
C ILE A 271 10.39 -2.68 -22.39
N ARG A 272 10.87 -1.44 -22.54
CA ARG A 272 12.27 -1.24 -22.92
C ARG A 272 13.21 -1.72 -21.82
N GLU A 273 12.86 -1.47 -20.56
CA GLU A 273 13.70 -1.92 -19.45
C GLU A 273 13.67 -3.43 -19.31
N LEU A 274 12.52 -4.05 -19.54
CA LEU A 274 12.41 -5.51 -19.47
C LEU A 274 13.20 -6.19 -20.58
N LYS A 275 13.53 -5.46 -21.66
CA LYS A 275 14.05 -6.04 -22.90
C LYS A 275 13.12 -7.14 -23.41
N LEU A 276 11.81 -6.91 -23.24
CA LEU A 276 10.81 -7.90 -23.60
C LEU A 276 10.70 -8.07 -25.11
N ILE A 277 10.87 -6.97 -25.86
CA ILE A 277 10.78 -7.05 -27.32
C ILE A 277 11.88 -7.95 -27.86
N GLY A 278 13.11 -7.78 -27.38
CA GLY A 278 14.20 -8.64 -27.81
C GLY A 278 14.04 -10.07 -27.34
N LEU A 279 13.39 -10.28 -26.20
CA LEU A 279 13.16 -11.64 -25.71
C LEU A 279 12.12 -12.36 -26.56
N VAL A 280 11.05 -11.68 -26.95
CA VAL A 280 10.10 -12.31 -27.85
C VAL A 280 10.71 -12.47 -29.25
N GLU A 281 11.65 -11.59 -29.62
CA GLU A 281 12.33 -11.74 -30.90
C GLU A 281 13.09 -13.05 -30.98
N THR A 282 13.80 -13.43 -29.92
CA THR A 282 14.58 -14.65 -29.92
C THR A 282 13.76 -15.89 -29.57
N LEU A 283 12.46 -15.73 -29.33
CA LEU A 283 11.59 -16.86 -29.01
C LEU A 283 10.34 -16.97 -29.89
N LYS A 284 10.06 -15.96 -30.72
CA LYS A 284 8.90 -16.05 -31.61
C LYS A 284 9.15 -17.09 -32.70
N GLY A 285 8.09 -17.83 -33.04
CA GLY A 285 8.18 -18.88 -34.03
C GLY A 285 8.67 -20.21 -33.51
N LYS A 286 9.21 -20.25 -32.29
CA LYS A 286 9.60 -21.51 -31.69
C LYS A 286 8.37 -22.29 -31.26
N SER A 287 8.51 -23.61 -31.22
CA SER A 287 7.47 -24.44 -30.61
C SER A 287 7.47 -24.25 -29.10
N SER A 288 6.39 -24.69 -28.46
CA SER A 288 6.31 -24.60 -27.01
C SER A 288 7.37 -25.45 -26.34
N GLU A 289 7.80 -26.53 -26.99
CA GLU A 289 8.90 -27.35 -26.50
C GLU A 289 10.26 -26.74 -26.85
N GLN A 290 10.32 -25.96 -27.94
CA GLN A 290 11.59 -25.33 -28.31
C GLN A 290 11.92 -24.14 -27.43
N ILE A 291 10.91 -23.41 -26.95
CA ILE A 291 11.13 -22.39 -25.93
C ILE A 291 11.62 -23.05 -24.64
N GLU A 292 11.03 -24.20 -24.32
CA GLU A 292 11.49 -25.00 -23.19
C GLU A 292 12.94 -25.42 -23.36
N GLU A 293 13.34 -25.79 -24.58
CA GLU A 293 14.74 -26.18 -24.80
C GLU A 293 15.67 -24.98 -24.80
N TYR A 294 15.18 -23.80 -25.23
CA TYR A 294 15.97 -22.58 -25.10
C TYR A 294 16.26 -22.27 -23.64
N PHE A 295 15.22 -22.33 -22.80
CA PHE A 295 15.42 -22.09 -21.38
C PHE A 295 16.21 -23.20 -20.72
N SER A 296 16.19 -24.41 -21.27
CA SER A 296 17.00 -25.50 -20.74
C SER A 296 18.48 -25.31 -21.07
N ASN A 297 18.78 -24.92 -22.30
CA ASN A 297 20.15 -24.80 -22.75
C ASN A 297 20.79 -23.47 -22.38
N LEU A 298 20.06 -22.56 -21.74
CA LEU A 298 20.67 -21.35 -21.22
C LEU A 298 21.65 -21.69 -20.11
N ASP A 299 22.79 -21.02 -20.13
CA ASP A 299 23.75 -21.13 -19.03
C ASP A 299 23.18 -20.36 -17.85
N LYS A 300 22.79 -21.07 -16.79
CA LYS A 300 22.04 -20.46 -15.72
C LYS A 300 22.87 -19.47 -14.92
N PHE A 301 24.11 -19.83 -14.61
CA PHE A 301 24.89 -19.02 -13.69
C PHE A 301 25.44 -17.76 -14.33
N SER A 302 25.85 -17.84 -15.61
CA SER A 302 26.35 -16.64 -16.28
C SER A 302 25.22 -15.71 -16.69
N THR A 303 24.03 -16.23 -16.97
CA THR A 303 22.89 -15.38 -17.29
C THR A 303 22.30 -14.71 -16.05
N TYR A 304 22.29 -15.42 -14.93
CA TYR A 304 21.72 -14.89 -13.70
C TYR A 304 22.51 -13.69 -13.19
N ASN A 305 23.83 -13.75 -13.28
CA ASN A 305 24.68 -12.68 -12.81
C ASN A 305 24.99 -11.63 -13.86
N ASP A 306 24.48 -11.80 -15.08
CA ASP A 306 24.69 -10.83 -16.15
C ASP A 306 23.65 -9.72 -15.99
N ARG A 307 24.11 -8.56 -15.49
CA ARG A 307 23.23 -7.43 -15.21
C ARG A 307 22.56 -6.89 -16.47
N ASN A 308 23.14 -7.12 -17.64
CA ASN A 308 22.62 -6.59 -18.89
C ASN A 308 21.58 -7.48 -19.55
N GLN A 309 21.18 -8.58 -18.93
CA GLN A 309 20.14 -9.42 -19.49
C GLN A 309 18.76 -8.86 -19.14
N SER A 310 17.73 -9.51 -19.68
CA SER A 310 16.37 -9.24 -19.26
C SER A 310 16.19 -9.70 -17.82
N VAL A 311 15.42 -8.94 -17.04
CA VAL A 311 15.09 -9.40 -15.70
C VAL A 311 14.15 -10.59 -15.79
N ILE A 312 13.41 -10.71 -16.89
CA ILE A 312 12.58 -11.89 -17.12
C ILE A 312 13.46 -13.13 -17.32
N VAL A 313 14.51 -13.00 -18.12
CA VAL A 313 15.42 -14.12 -18.32
C VAL A 313 16.24 -14.39 -17.07
N ARG A 314 16.69 -13.33 -16.39
CA ARG A 314 17.43 -13.51 -15.15
C ARG A 314 16.58 -14.11 -14.04
N THR A 315 15.25 -14.00 -14.14
CA THR A 315 14.37 -14.58 -13.14
C THR A 315 14.17 -16.07 -13.39
N GLN A 316 13.88 -16.46 -14.63
CA GLN A 316 13.60 -17.86 -14.93
C GLN A 316 14.83 -18.75 -14.95
N CYS A 317 16.01 -18.20 -14.67
CA CYS A 317 17.21 -19.01 -14.50
C CYS A 317 17.59 -19.16 -13.04
N PHE A 318 16.77 -18.68 -12.12
CA PHE A 318 16.88 -19.04 -10.71
C PHE A 318 15.64 -19.73 -10.19
N LYS A 319 14.45 -19.20 -10.51
CA LYS A 319 13.20 -19.81 -10.10
C LYS A 319 12.16 -19.58 -11.18
N TYR A 320 11.37 -20.61 -11.46
CA TYR A 320 10.30 -20.47 -12.44
C TYR A 320 9.25 -19.49 -11.95
N LYS A 321 9.20 -18.32 -12.58
CA LYS A 321 8.30 -17.24 -12.15
C LYS A 321 7.53 -16.76 -13.36
N PRO A 322 6.33 -17.30 -13.59
CA PRO A 322 5.57 -16.93 -14.78
C PRO A 322 5.04 -15.51 -14.71
N ILE A 323 4.85 -14.92 -15.89
CA ILE A 323 4.25 -13.58 -15.98
C ILE A 323 2.81 -13.66 -15.51
N PRO A 324 2.35 -12.74 -14.66
CA PRO A 324 0.98 -12.83 -14.14
C PRO A 324 -0.07 -12.71 -15.23
N PHE A 325 -1.23 -13.31 -14.98
CA PHE A 325 -2.21 -13.58 -16.03
C PHE A 325 -2.73 -12.29 -16.66
N LEU A 326 -3.07 -11.29 -15.85
CA LEU A 326 -3.71 -10.10 -16.38
C LEU A 326 -2.73 -9.28 -17.21
N VAL A 327 -1.52 -9.07 -16.70
CA VAL A 327 -0.55 -8.27 -17.43
C VAL A 327 -0.10 -9.00 -18.68
N LYS A 328 -0.02 -10.33 -18.64
CA LYS A 328 0.48 -11.09 -19.78
C LYS A 328 -0.46 -10.99 -20.99
N HIS A 329 -1.77 -10.92 -20.75
CA HIS A 329 -2.70 -10.77 -21.85
C HIS A 329 -2.85 -9.33 -22.30
N GLN A 330 -2.66 -8.36 -21.40
CA GLN A 330 -2.61 -6.97 -21.81
C GLN A 330 -1.33 -6.67 -22.58
N LEU A 331 -0.24 -7.34 -22.22
CA LEU A 331 1.05 -7.03 -22.79
C LEU A 331 1.25 -7.72 -24.13
N ALA A 332 0.71 -8.94 -24.29
CA ALA A 332 0.82 -9.64 -25.55
C ALA A 332 0.09 -8.90 -26.66
N LYS A 333 -1.12 -8.43 -26.38
CA LYS A 333 -1.85 -7.62 -27.34
C LYS A 333 -1.21 -6.26 -27.55
N TYR A 334 -0.50 -5.74 -26.55
CA TYR A 334 0.16 -4.45 -26.69
C TYR A 334 1.36 -4.53 -27.62
N ILE A 335 2.20 -5.55 -27.45
CA ILE A 335 3.41 -5.62 -28.26
C ILE A 335 3.22 -6.44 -29.53
N SER A 336 2.07 -7.08 -29.70
CA SER A 336 1.79 -7.78 -30.95
C SER A 336 1.43 -6.81 -32.06
N GLU A 337 0.84 -5.66 -31.70
CA GLU A 337 0.34 -4.73 -32.71
C GLU A 337 1.46 -4.01 -33.48
N PRO A 338 2.33 -3.20 -32.85
CA PRO A 338 3.22 -2.38 -33.69
C PRO A 338 4.35 -3.16 -34.32
N ASN A 339 4.66 -4.34 -33.82
CA ASN A 339 5.72 -5.17 -34.37
C ASN A 339 5.22 -6.10 -35.46
N GLY A 340 3.92 -6.11 -35.73
CA GLY A 340 3.37 -6.99 -36.74
C GLY A 340 3.37 -8.45 -36.38
N TRP A 341 3.63 -8.78 -35.11
CA TRP A 341 3.65 -10.18 -34.69
C TRP A 341 2.24 -10.74 -34.64
N ASP A 342 2.14 -12.05 -34.82
CA ASP A 342 0.90 -12.74 -34.49
C ASP A 342 0.67 -12.66 -32.99
N GLU A 343 -0.55 -12.31 -32.59
CA GLU A 343 -0.85 -12.19 -31.18
C GLU A 343 -0.81 -13.54 -30.47
N ASP A 344 -1.19 -14.60 -31.18
CA ASP A 344 -1.12 -15.95 -30.59
C ASP A 344 0.32 -16.39 -30.37
N ALA A 345 1.23 -16.04 -31.28
CA ALA A 345 2.62 -16.46 -31.14
C ALA A 345 3.30 -15.77 -29.96
N VAL A 346 3.10 -14.46 -29.82
CA VAL A 346 3.68 -13.75 -28.68
C VAL A 346 2.98 -14.16 -27.38
N ALA A 347 1.68 -14.50 -27.44
CA ALA A 347 1.02 -15.03 -26.25
C ALA A 347 1.59 -16.38 -25.85
N LYS A 348 1.91 -17.23 -26.83
CA LYS A 348 2.55 -18.52 -26.55
C LYS A 348 3.94 -18.32 -25.94
N VAL A 349 4.70 -17.37 -26.48
CA VAL A 349 6.03 -17.08 -25.93
C VAL A 349 5.91 -16.59 -24.49
N LEU A 350 4.97 -15.69 -24.22
CA LEU A 350 4.79 -15.16 -22.88
C LEU A 350 4.27 -16.22 -21.92
N ASP A 351 3.48 -17.18 -22.43
CA ASP A 351 2.98 -18.26 -21.58
C ASP A 351 4.08 -19.26 -21.24
N ALA A 352 4.94 -19.58 -22.21
CA ALA A 352 5.96 -20.59 -21.98
C ALA A 352 7.11 -20.07 -21.14
N VAL A 353 7.18 -18.76 -20.90
CA VAL A 353 8.18 -18.22 -19.98
C VAL A 353 7.76 -18.55 -18.56
N GLY A 354 8.64 -19.22 -17.82
CA GLY A 354 8.34 -19.58 -16.46
C GLY A 354 7.43 -20.77 -16.29
N ALA A 355 7.32 -21.62 -17.30
CA ALA A 355 6.53 -22.85 -17.18
C ALA A 355 7.20 -23.77 -16.17
N ILE A 356 6.45 -24.18 -15.14
CA ILE A 356 7.04 -24.96 -14.06
C ILE A 356 7.44 -26.34 -14.57
N ARG A 357 8.66 -26.74 -14.24
CA ARG A 357 9.15 -28.05 -14.61
C ARG A 357 9.80 -28.67 -13.39
N SER A 358 9.48 -29.95 -13.16
CA SER A 358 9.96 -30.66 -11.99
C SER A 358 11.06 -31.63 -12.40
N PRO A 359 12.29 -31.46 -11.92
CA PRO A 359 13.35 -32.43 -12.27
C PRO A 359 13.12 -33.80 -11.71
N ALA A 360 12.47 -33.90 -10.54
CA ALA A 360 12.15 -35.21 -9.98
C ALA A 360 11.12 -35.93 -10.84
N HIS A 361 10.08 -35.22 -11.26
CA HIS A 361 9.08 -35.80 -12.15
C HIS A 361 9.68 -36.15 -13.51
N ASP A 362 10.64 -35.34 -13.97
CA ASP A 362 11.24 -35.58 -15.27
C ASP A 362 12.20 -36.77 -15.24
N TYR A 363 12.92 -36.95 -14.13
CA TYR A 363 13.77 -38.12 -14.02
C TYR A 363 12.95 -39.38 -13.75
N ALA A 364 11.78 -39.21 -13.13
CA ALA A 364 10.87 -40.35 -12.98
C ALA A 364 10.36 -40.82 -14.34
N ASN A 365 10.05 -39.90 -15.24
CA ASN A 365 9.52 -40.27 -16.55
C ASN A 365 10.59 -40.94 -17.41
N ASN A 366 11.77 -40.33 -17.51
CA ASN A 366 12.86 -40.89 -18.28
C ASN A 366 14.18 -40.50 -17.65
N GLN A 367 15.22 -41.29 -17.89
CA GLN A 367 16.51 -41.10 -17.25
C GLN A 367 17.60 -40.64 -18.19
N GLU A 368 17.55 -41.05 -19.46
CA GLU A 368 18.56 -40.67 -20.44
C GLU A 368 18.30 -39.25 -20.91
N GLY A 369 19.39 -38.50 -21.09
CA GLY A 369 19.32 -37.11 -21.50
C GLY A 369 19.04 -36.13 -20.39
N PHE A 370 18.83 -36.61 -19.16
CA PHE A 370 18.60 -35.74 -18.02
C PHE A 370 19.85 -34.95 -17.70
N ASP A 371 19.65 -33.71 -17.25
CA ASP A 371 20.76 -32.87 -16.80
C ASP A 371 20.18 -31.81 -15.86
N LEU A 372 20.91 -31.53 -14.78
CA LEU A 372 20.46 -30.52 -13.84
C LEU A 372 20.69 -29.10 -14.33
N ASN A 373 21.46 -28.93 -15.41
CA ASN A 373 21.64 -27.61 -15.98
C ASN A 373 20.45 -27.16 -16.81
N HIS A 374 19.47 -28.05 -17.05
CA HIS A 374 18.26 -27.65 -17.75
C HIS A 374 17.31 -26.89 -16.86
N TYR A 375 17.52 -26.92 -15.59
CA TYR A 375 16.57 -26.37 -14.64
C TYR A 375 17.15 -25.14 -13.96
N PRO A 376 16.28 -24.24 -13.47
CA PRO A 376 16.75 -23.07 -12.72
C PRO A 376 17.59 -23.41 -11.50
N ILE A 377 18.29 -22.41 -10.97
CA ILE A 377 19.28 -22.66 -9.93
C ILE A 377 18.64 -23.18 -8.66
N LYS A 378 17.54 -22.56 -8.23
CA LYS A 378 16.88 -23.02 -7.01
C LYS A 378 16.20 -24.36 -7.21
N VAL A 379 15.59 -24.58 -8.37
CA VAL A 379 14.85 -25.82 -8.61
C VAL A 379 15.80 -27.02 -8.68
N ALA A 380 16.86 -26.89 -9.49
CA ALA A 380 17.86 -27.95 -9.58
C ALA A 380 18.63 -28.09 -8.28
N PHE A 381 18.87 -26.99 -7.58
CA PHE A 381 19.57 -27.05 -6.30
C PHE A 381 18.75 -27.80 -5.26
N ASP A 382 17.44 -27.53 -5.20
CA ASP A 382 16.57 -28.23 -4.27
C ASP A 382 16.52 -29.71 -4.56
N TYR A 383 16.37 -30.07 -5.84
CA TYR A 383 16.35 -31.49 -6.22
C TYR A 383 17.67 -32.16 -5.87
N ALA A 384 18.79 -31.53 -6.20
CA ALA A 384 20.11 -32.13 -5.93
C ALA A 384 20.35 -32.29 -4.44
N TRP A 385 20.10 -31.22 -3.67
CA TRP A 385 20.35 -31.25 -2.23
C TRP A 385 19.48 -32.27 -1.53
N GLU A 386 18.18 -32.30 -1.85
CA GLU A 386 17.28 -33.21 -1.16
C GLU A 386 17.54 -34.66 -1.56
N GLN A 387 17.69 -34.93 -2.86
CA GLN A 387 17.86 -36.32 -3.27
C GLN A 387 19.26 -36.83 -3.03
N LEU A 388 20.23 -35.95 -2.79
CA LEU A 388 21.55 -36.39 -2.36
C LEU A 388 21.62 -36.58 -0.86
N ALA A 389 20.84 -35.80 -0.09
CA ALA A 389 20.78 -36.04 1.35
C ALA A 389 20.16 -37.39 1.67
N ASN A 390 19.17 -37.82 0.87
CA ASN A 390 18.56 -39.12 1.07
C ASN A 390 19.51 -40.25 0.71
N SER A 391 20.49 -39.99 -0.15
CA SER A 391 21.32 -41.04 -0.71
C SER A 391 22.38 -41.55 0.27
N LEU A 392 22.72 -40.76 1.29
CA LEU A 392 23.79 -41.16 2.20
C LEU A 392 23.39 -42.28 3.15
N TYR A 393 22.11 -42.67 3.18
CA TYR A 393 21.68 -43.76 4.04
C TYR A 393 20.77 -44.77 3.37
N THR A 394 20.43 -44.59 2.10
CA THR A 394 19.63 -45.57 1.36
C THR A 394 19.92 -45.39 -0.12
N THR A 395 19.49 -46.38 -0.91
CA THR A 395 19.60 -46.28 -2.36
C THR A 395 18.42 -45.46 -2.88
N VAL A 396 18.74 -44.45 -3.70
CA VAL A 396 17.74 -43.54 -4.25
C VAL A 396 17.91 -43.53 -5.76
N THR A 397 16.79 -43.56 -6.48
CA THR A 397 16.83 -43.53 -7.94
C THR A 397 16.94 -42.08 -8.40
N PHE A 398 18.18 -41.61 -8.57
CA PHE A 398 18.42 -40.25 -9.05
C PHE A 398 19.83 -40.19 -9.64
N PRO A 399 20.14 -39.20 -10.49
CA PRO A 399 21.50 -39.10 -11.03
C PRO A 399 22.50 -38.60 -10.01
N GLN A 400 23.08 -39.54 -9.25
CA GLN A 400 23.77 -39.22 -8.02
C GLN A 400 25.03 -38.38 -8.28
N GLU A 401 25.85 -38.82 -9.24
CA GLU A 401 27.08 -38.08 -9.54
C GLU A 401 26.76 -36.75 -10.23
N MET A 402 25.65 -36.67 -10.95
CA MET A 402 25.23 -35.41 -11.56
C MET A 402 24.85 -34.38 -10.50
N CYS A 403 24.11 -34.81 -9.47
CA CYS A 403 23.78 -33.93 -8.37
C CYS A 403 25.02 -33.52 -7.60
N GLU A 404 25.96 -34.46 -7.42
CA GLU A 404 27.24 -34.10 -6.80
C GLU A 404 27.96 -33.03 -7.61
N LYS A 405 28.01 -33.18 -8.93
CA LYS A 405 28.70 -32.22 -9.77
C LYS A 405 28.02 -30.85 -9.72
N TYR A 406 26.69 -30.83 -9.69
CA TYR A 406 25.96 -29.57 -9.61
C TYR A 406 26.23 -28.84 -8.30
N LEU A 407 26.15 -29.57 -7.18
CA LEU A 407 26.37 -28.92 -5.88
C LEU A 407 27.82 -28.50 -5.72
N ASN A 408 28.77 -29.28 -6.26
CA ASN A 408 30.16 -28.89 -6.20
C ASN A 408 30.44 -27.68 -7.07
N SER A 409 29.76 -27.56 -8.21
CA SER A 409 29.91 -26.38 -9.05
C SER A 409 29.36 -25.14 -8.36
N ILE A 410 28.24 -25.29 -7.63
CA ILE A 410 27.68 -24.14 -6.92
C ILE A 410 28.60 -23.72 -5.78
N TYR A 411 29.07 -24.68 -4.97
CA TYR A 411 29.78 -24.32 -3.75
C TYR A 411 31.29 -24.29 -3.89
N GLY A 412 31.85 -24.91 -4.93
CA GLY A 412 33.29 -24.91 -5.09
C GLY A 412 34.02 -25.92 -4.25
N CYS A 413 33.30 -26.74 -3.49
CA CYS A 413 33.89 -27.76 -2.63
C CYS A 413 33.12 -29.06 -2.82
N GLU A 414 33.66 -30.13 -2.24
CA GLU A 414 33.02 -31.44 -2.37
C GLU A 414 31.85 -31.56 -1.40
N VAL A 415 30.64 -31.27 -1.89
CA VAL A 415 29.43 -31.50 -1.10
C VAL A 415 29.25 -33.01 -0.93
N SER A 416 28.61 -33.39 0.19
CA SER A 416 28.44 -34.71 0.81
C SER A 416 29.70 -35.10 1.60
N LYS A 417 30.74 -34.27 1.58
CA LYS A 417 31.80 -34.34 2.56
C LYS A 417 31.80 -33.15 3.52
N GLU A 418 31.02 -32.12 3.22
CA GLU A 418 30.91 -30.99 4.12
C GLU A 418 30.16 -31.41 5.39
N PRO A 419 30.53 -30.86 6.55
CA PRO A 419 29.78 -31.19 7.78
C PRO A 419 28.33 -30.75 7.76
N VAL A 420 28.02 -29.64 7.11
CA VAL A 420 26.65 -29.11 7.14
C VAL A 420 25.71 -29.99 6.33
N PHE A 421 26.12 -30.39 5.13
CA PHE A 421 25.27 -31.25 4.30
C PHE A 421 25.13 -32.63 4.92
N LYS A 422 26.22 -33.15 5.50
CA LYS A 422 26.14 -34.42 6.19
C LYS A 422 25.19 -34.35 7.37
N PHE A 423 25.26 -33.25 8.15
CA PHE A 423 24.36 -33.05 9.29
C PHE A 423 22.91 -32.98 8.83
N TYR A 424 22.65 -32.32 7.70
CA TYR A 424 21.31 -32.30 7.13
C TYR A 424 20.85 -33.71 6.77
N ALA A 425 21.75 -34.51 6.21
CA ALA A 425 21.41 -35.89 5.86
C ALA A 425 21.09 -36.72 7.10
N ASP A 426 21.88 -36.56 8.17
CA ASP A 426 21.60 -37.27 9.42
C ASP A 426 20.23 -36.87 9.98
N LEU A 427 19.94 -35.57 9.99
CA LEU A 427 18.67 -35.12 10.56
C LEU A 427 17.49 -35.59 9.73
N LEU A 428 17.63 -35.60 8.40
CA LEU A 428 16.58 -36.11 7.54
C LEU A 428 16.36 -37.61 7.74
N TYR A 429 17.45 -38.37 7.89
CA TYR A 429 17.32 -39.80 8.16
C TYR A 429 16.68 -40.06 9.51
N ILE A 430 17.06 -39.26 10.52
CA ILE A 430 16.45 -39.38 11.85
C ILE A 430 14.96 -39.11 11.78
N ARG A 431 14.57 -38.08 11.03
CA ARG A 431 13.16 -37.77 10.87
C ARG A 431 12.42 -38.90 10.16
N LYS A 432 13.04 -39.50 9.14
CA LYS A 432 12.40 -40.61 8.42
C LYS A 432 12.17 -41.80 9.32
N ASN A 433 13.19 -42.18 10.11
CA ASN A 433 13.04 -43.36 10.96
C ASN A 433 12.09 -43.09 12.12
N LEU A 434 12.09 -41.87 12.66
CA LEU A 434 11.10 -41.50 13.66
C LEU A 434 9.69 -41.52 13.07
N ALA A 435 9.56 -41.14 11.80
CA ALA A 435 8.27 -41.18 11.12
C ALA A 435 7.77 -42.61 10.98
N VAL A 436 8.66 -43.53 10.59
CA VAL A 436 8.26 -44.93 10.46
C VAL A 436 7.91 -45.51 11.82
N LEU A 437 8.68 -45.17 12.86
CA LEU A 437 8.42 -45.70 14.18
C LEU A 437 7.16 -45.08 14.80
N GLU A 438 6.78 -43.89 14.35
CA GLU A 438 5.56 -43.22 14.82
C GLU A 438 4.31 -43.66 14.10
N HIS A 439 4.42 -44.53 13.10
CA HIS A 439 3.29 -44.83 12.22
C HIS A 439 2.32 -45.74 12.95
N LYS A 440 1.46 -45.15 13.79
CA LYS A 440 0.67 -45.93 14.75
C LYS A 440 -0.31 -46.87 14.06
N ASN A 441 -0.90 -46.44 12.95
CA ASN A 441 -1.84 -47.28 12.23
C ASN A 441 -1.15 -48.49 11.61
N ASN A 442 0.11 -48.34 11.21
CA ASN A 442 0.87 -49.35 10.51
C ASN A 442 2.26 -49.52 11.13
N LEU A 443 2.29 -49.74 12.45
CA LEU A 443 3.55 -49.97 13.14
C LEU A 443 4.27 -51.19 12.57
N PRO A 444 5.60 -51.17 12.50
CA PRO A 444 6.32 -52.32 11.94
C PRO A 444 6.25 -53.53 12.85
N SER A 445 6.46 -54.70 12.25
CA SER A 445 6.59 -55.92 13.04
C SER A 445 7.94 -55.97 13.76
N ASN A 446 8.94 -55.26 13.23
CA ASN A 446 10.29 -55.23 13.78
C ASN A 446 10.66 -53.76 13.96
N GLN A 447 10.34 -53.21 15.14
CA GLN A 447 10.67 -51.83 15.45
C GLN A 447 12.08 -51.69 16.02
N GLU A 448 12.70 -52.81 16.40
CA GLU A 448 14.01 -52.75 17.05
C GLU A 448 15.09 -52.25 16.10
N GLU A 449 15.00 -52.58 14.82
CA GLU A 449 16.03 -52.14 13.88
C GLU A 449 15.88 -50.67 13.55
N PHE A 450 14.65 -50.14 13.58
CA PHE A 450 14.47 -48.69 13.44
C PHE A 450 14.97 -47.95 14.68
N ILE A 451 14.76 -48.51 15.87
CA ILE A 451 15.33 -47.93 17.09
C ILE A 451 16.85 -47.92 17.00
N CYS A 452 17.42 -49.02 16.50
CA CYS A 452 18.86 -49.12 16.32
C CYS A 452 19.36 -48.09 15.31
N LYS A 453 18.60 -47.88 14.22
CA LYS A 453 18.99 -46.88 13.23
C LYS A 453 18.99 -45.48 13.81
N ILE A 454 17.97 -45.14 14.61
CA ILE A 454 17.93 -43.83 15.25
C ILE A 454 19.10 -43.65 16.19
N ASN A 455 19.38 -44.67 17.02
CA ASN A 455 20.49 -44.57 17.96
C ASN A 455 21.83 -44.46 17.24
N ASN A 456 22.01 -45.21 16.15
CA ASN A 456 23.25 -45.18 15.40
C ASN A 456 23.45 -43.83 14.71
N THR A 457 22.40 -43.29 14.10
CA THR A 457 22.51 -41.97 13.46
C THR A 457 22.74 -40.87 14.49
N PHE A 458 22.17 -40.99 15.68
CA PHE A 458 22.39 -39.98 16.71
C PHE A 458 23.79 -40.08 17.30
N GLU A 459 24.35 -41.29 17.38
CA GLU A 459 25.67 -41.44 18.00
C GLU A 459 26.82 -41.23 17.02
N ASN A 460 26.61 -41.43 15.72
CA ASN A 460 27.63 -41.14 14.73
C ASN A 460 27.53 -39.73 14.17
N ILE A 461 26.66 -38.91 14.71
CA ILE A 461 26.44 -37.57 14.18
C ILE A 461 27.61 -36.68 14.60
N VAL A 462 27.93 -35.70 13.75
CA VAL A 462 28.96 -34.71 14.06
C VAL A 462 28.36 -33.33 13.85
N LEU A 463 28.53 -32.46 14.83
CA LEU A 463 27.92 -31.15 14.77
C LEU A 463 28.78 -30.21 13.94
N PRO A 464 28.25 -29.61 12.87
CA PRO A 464 29.04 -28.64 12.11
C PRO A 464 29.41 -27.41 12.91
N TYR A 465 28.56 -26.99 13.85
CA TYR A 465 28.83 -25.83 14.68
C TYR A 465 28.25 -26.06 16.06
N LYS A 466 28.21 -25.00 16.85
CA LYS A 466 27.66 -25.10 18.20
C LYS A 466 26.15 -24.99 18.18
N ILE A 467 25.48 -25.94 18.83
CA ILE A 467 24.06 -25.84 19.13
C ILE A 467 23.90 -26.18 20.60
N SER A 468 23.36 -25.26 21.38
CA SER A 468 23.37 -25.39 22.84
C SER A 468 22.43 -26.50 23.31
N GLN A 469 21.27 -26.62 22.67
CA GLN A 469 20.22 -27.50 23.16
C GLN A 469 20.10 -28.80 22.39
N PHE A 470 21.05 -29.12 21.52
CA PHE A 470 20.93 -30.30 20.66
C PHE A 470 20.99 -31.58 21.46
N GLU A 471 21.84 -31.63 22.48
CA GLU A 471 21.97 -32.84 23.28
C GLU A 471 20.70 -33.11 24.08
N THR A 472 20.01 -32.05 24.52
CA THR A 472 18.74 -32.24 25.20
C THR A 472 17.69 -32.84 24.27
N TYR A 473 17.64 -32.35 23.02
CA TYR A 473 16.71 -32.90 22.03
C TYR A 473 17.01 -34.37 21.76
N LYS A 474 18.30 -34.69 21.58
CA LYS A 474 18.71 -36.06 21.35
C LYS A 474 18.34 -36.95 22.52
N LYS A 475 18.54 -36.46 23.75
CA LYS A 475 18.21 -37.24 24.94
C LYS A 475 16.72 -37.50 25.02
N ASP A 476 15.89 -36.49 24.76
CA ASP A 476 14.45 -36.68 24.83
C ASP A 476 13.95 -37.66 23.77
N ILE A 477 14.45 -37.53 22.53
CA ILE A 477 14.00 -38.43 21.47
C ILE A 477 14.44 -39.86 21.75
N LEU A 478 15.69 -40.05 22.18
CA LEU A 478 16.17 -41.39 22.49
C LEU A 478 15.44 -42.00 23.67
N ALA A 479 15.14 -41.18 24.69
CA ALA A 479 14.38 -41.67 25.84
C ALA A 479 12.98 -42.11 25.42
N TRP A 480 12.33 -41.33 24.55
CA TRP A 480 10.99 -41.68 24.10
C TRP A 480 10.99 -42.98 23.30
N ILE A 481 11.97 -43.15 22.40
CA ILE A 481 11.95 -44.33 21.55
C ILE A 481 12.38 -45.57 22.32
N ASN A 482 13.30 -45.42 23.28
CA ASN A 482 13.83 -46.59 23.98
C ASN A 482 12.91 -47.04 25.09
N ASP A 483 12.42 -46.10 25.90
CA ASP A 483 11.63 -46.44 27.08
C ASP A 483 10.22 -45.90 27.05
N GLY A 484 10.00 -44.72 26.48
CA GLY A 484 8.68 -44.11 26.51
C GLY A 484 8.45 -43.20 27.70
N HIS A 485 9.42 -42.35 28.04
CA HIS A 485 9.25 -41.44 29.17
C HIS A 485 8.18 -40.39 28.88
N ASP A 486 8.44 -39.55 27.87
CA ASP A 486 7.64 -38.35 27.65
C ASP A 486 7.30 -38.23 26.18
N HIS A 487 6.09 -37.75 25.89
CA HIS A 487 5.70 -37.42 24.53
C HIS A 487 5.76 -35.92 24.28
N LYS A 488 5.56 -35.10 25.31
CA LYS A 488 5.64 -33.65 25.17
C LYS A 488 7.06 -33.20 24.87
N LYS A 489 8.02 -33.66 25.67
CA LYS A 489 9.42 -33.28 25.44
C LYS A 489 9.94 -33.86 24.14
N TYR A 490 9.50 -35.07 23.80
CA TYR A 490 9.89 -35.68 22.53
C TYR A 490 9.35 -34.88 21.35
N THR A 491 8.09 -34.45 21.43
CA THR A 491 7.50 -33.67 20.35
C THR A 491 8.17 -32.31 20.21
N ASP A 492 8.47 -31.66 21.33
CA ASP A 492 9.18 -30.39 21.29
C ASP A 492 10.57 -30.57 20.70
N ALA A 493 11.26 -31.65 21.07
CA ALA A 493 12.58 -31.94 20.54
C ALA A 493 12.54 -32.19 19.04
N LYS A 494 11.55 -32.95 18.57
CA LYS A 494 11.43 -33.21 17.14
C LYS A 494 11.13 -31.94 16.37
N GLN A 495 10.29 -31.07 16.93
CA GLN A 495 10.00 -29.79 16.28
C GLN A 495 11.25 -28.92 16.21
N GLN A 496 12.06 -28.90 17.27
CA GLN A 496 13.28 -28.12 17.24
C GLN A 496 14.30 -28.69 16.25
N LEU A 497 14.39 -30.02 16.16
CA LEU A 497 15.28 -30.62 15.17
C LEU A 497 14.80 -30.32 13.75
N GLY A 498 13.49 -30.29 13.55
CA GLY A 498 12.96 -29.86 12.27
C GLY A 498 13.30 -28.42 11.94
N PHE A 499 13.27 -27.54 12.96
CA PHE A 499 13.67 -26.14 12.76
C PHE A 499 15.14 -26.04 12.36
N ILE A 500 15.99 -26.79 13.06
CA ILE A 500 17.43 -26.79 12.75
C ILE A 500 17.67 -27.30 11.34
N ARG A 501 17.03 -28.40 10.98
CA ARG A 501 17.20 -28.99 9.66
C ARG A 501 16.67 -28.07 8.56
N GLY A 502 15.56 -27.37 8.82
CA GLY A 502 15.04 -26.43 7.85
C GLY A 502 15.94 -25.22 7.66
N GLY A 503 16.50 -24.70 8.75
CA GLY A 503 17.42 -23.59 8.63
C GLY A 503 18.82 -23.96 8.19
N LEU A 504 19.10 -25.26 8.08
CA LEU A 504 20.40 -25.74 7.62
C LEU A 504 20.55 -25.73 6.10
N LYS A 505 19.48 -25.61 5.35
CA LYS A 505 19.52 -25.83 3.90
C LYS A 505 20.26 -24.68 3.21
N GLY A 506 21.55 -24.87 2.95
CA GLY A 506 22.34 -23.86 2.29
C GLY A 506 23.22 -23.03 3.19
N ARG A 507 23.51 -23.50 4.40
CA ARG A 507 24.38 -22.80 5.34
C ARG A 507 25.85 -23.20 5.16
N ILE A 508 26.15 -24.02 4.16
CA ILE A 508 27.53 -24.44 3.85
C ILE A 508 28.43 -23.25 3.56
N ASN A 528 27.00 -19.29 1.67
CA ASN A 528 27.45 -18.03 1.09
C ASN A 528 27.37 -17.95 -0.46
N PRO A 529 27.74 -19.00 -1.21
CA PRO A 529 27.47 -18.94 -2.66
C PRO A 529 26.01 -19.05 -3.00
N TYR A 530 25.20 -19.64 -2.13
CA TYR A 530 23.79 -19.83 -2.42
C TYR A 530 22.91 -18.74 -1.81
N THR A 531 23.28 -18.23 -0.62
CA THR A 531 22.54 -17.11 -0.06
C THR A 531 22.73 -15.85 -0.88
N LYS A 532 23.89 -15.73 -1.56
CA LYS A 532 24.10 -14.62 -2.48
C LYS A 532 23.10 -14.66 -3.62
N LEU A 533 22.83 -15.84 -4.16
CA LEU A 533 21.89 -15.95 -5.27
C LEU A 533 20.46 -15.68 -4.82
N THR A 534 20.09 -16.12 -3.63
CA THR A 534 18.74 -15.81 -3.12
C THR A 534 18.58 -14.34 -2.81
N ASN A 535 19.63 -13.70 -2.26
CA ASN A 535 19.57 -12.27 -2.01
C ASN A 535 19.52 -11.47 -3.31
N GLU A 536 20.21 -11.96 -4.35
CA GLU A 536 20.09 -11.33 -5.66
C GLU A 536 18.69 -11.53 -6.23
N PHE A 537 18.10 -12.71 -6.01
CA PHE A 537 16.75 -12.97 -6.49
C PHE A 537 15.72 -12.11 -5.78
N LYS A 538 16.00 -11.69 -4.55
CA LYS A 538 15.12 -10.73 -3.88
C LYS A 538 14.91 -9.50 -4.75
N GLN A 539 16.00 -8.88 -5.18
CA GLN A 539 15.90 -7.68 -6.01
C GLN A 539 15.44 -8.00 -7.43
N ILE A 540 15.84 -9.15 -7.96
CA ILE A 540 15.47 -9.48 -9.35
C ILE A 540 13.97 -9.75 -9.44
N SER A 541 13.44 -10.57 -8.54
CA SER A 541 12.01 -10.82 -8.47
C SER A 541 11.23 -9.58 -8.07
N SER A 542 11.83 -8.71 -7.24
CA SER A 542 11.18 -7.45 -6.91
C SER A 542 11.04 -6.56 -8.13
N THR A 543 12.09 -6.47 -8.95
CA THR A 543 12.01 -5.67 -10.17
C THR A 543 11.04 -6.29 -11.16
N TYR A 544 11.05 -7.62 -11.28
CA TYR A 544 10.08 -8.35 -12.08
C TYR A 544 8.64 -8.01 -11.67
N GLY A 545 8.35 -8.14 -10.38
CA GLY A 545 7.01 -7.87 -9.89
C GLY A 545 6.61 -6.41 -9.99
N LYS A 546 7.53 -5.49 -9.66
CA LYS A 546 7.23 -4.07 -9.80
C LYS A 546 6.95 -3.69 -11.24
N THR A 547 7.76 -4.18 -12.18
CA THR A 547 7.58 -3.78 -13.56
C THR A 547 6.28 -4.34 -14.12
N PHE A 548 5.96 -5.59 -13.82
CA PHE A 548 4.71 -6.14 -14.32
C PHE A 548 3.50 -5.57 -13.59
N ALA A 549 3.65 -5.20 -12.31
CA ALA A 549 2.55 -4.58 -11.58
C ALA A 549 2.30 -3.16 -12.07
N GLU A 550 3.36 -2.39 -12.32
CA GLU A 550 3.22 -1.06 -12.89
C GLU A 550 2.62 -1.12 -14.29
N LEU A 551 3.05 -2.09 -15.10
CA LEU A 551 2.47 -2.26 -16.41
C LEU A 551 1.00 -2.65 -16.32
N ARG A 552 0.64 -3.50 -15.36
CA ARG A 552 -0.75 -3.86 -15.17
C ARG A 552 -1.59 -2.68 -14.71
N ASP A 553 -1.05 -1.86 -13.81
CA ASP A 553 -1.77 -0.68 -13.34
C ASP A 553 -1.96 0.35 -14.45
N LYS A 554 -1.00 0.46 -15.37
CA LYS A 554 -1.10 1.43 -16.44
C LYS A 554 -1.79 0.89 -17.68
N PHE A 555 -1.92 -0.43 -17.82
CA PHE A 555 -2.77 -1.01 -18.85
C PHE A 555 -4.22 -1.05 -18.39
N LYS A 556 -4.46 -1.24 -17.09
CA LYS A 556 -5.80 -1.15 -16.53
C LYS A 556 -6.31 0.27 -16.60
N GLU A 557 -5.39 1.24 -16.56
CA GLU A 557 -5.72 2.65 -16.73
C GLU A 557 -6.43 2.92 -18.06
N LYS A 558 -6.13 2.13 -19.10
CA LYS A 558 -6.76 2.34 -20.40
C LYS A 558 -8.27 2.14 -20.34
N ASN A 559 -8.75 1.31 -19.42
CA ASN A 559 -10.16 0.97 -19.31
C ASN A 559 -10.82 1.60 -18.11
N GLU A 560 -10.14 2.51 -17.40
CA GLU A 560 -10.76 3.32 -16.35
C GLU A 560 -11.51 4.46 -17.02
N ILE A 561 -12.69 4.12 -17.52
CA ILE A 561 -13.43 5.06 -18.38
C ILE A 561 -13.99 6.21 -17.56
N THR A 562 -14.54 5.95 -16.37
CA THR A 562 -15.13 6.98 -15.52
C THR A 562 -14.43 7.04 -14.16
N LYS A 563 -13.41 7.88 -14.07
CA LYS A 563 -12.77 8.12 -12.79
C LYS A 563 -13.59 9.00 -11.88
N ILE A 564 -14.23 10.04 -12.43
CA ILE A 564 -14.99 11.00 -11.65
C ILE A 564 -16.47 10.66 -11.79
N THR A 565 -17.14 10.49 -10.66
CA THR A 565 -18.57 10.21 -10.62
C THR A 565 -19.40 11.37 -10.10
N HIS A 566 -18.81 12.25 -9.30
CA HIS A 566 -19.52 13.36 -8.69
C HIS A 566 -18.78 14.67 -8.91
N PHE A 567 -19.54 15.76 -9.00
CA PHE A 567 -19.01 17.11 -8.93
C PHE A 567 -19.58 17.77 -7.68
N GLY A 568 -18.70 18.30 -6.84
CA GLY A 568 -19.11 18.79 -5.55
C GLY A 568 -18.54 20.15 -5.23
N ILE A 569 -19.15 20.81 -4.24
CA ILE A 569 -18.69 22.06 -3.67
C ILE A 569 -18.73 21.93 -2.16
N ILE A 570 -18.00 22.82 -1.48
CA ILE A 570 -18.06 22.86 -0.02
C ILE A 570 -18.93 24.04 0.41
N ILE A 571 -19.98 23.75 1.17
CA ILE A 571 -20.98 24.74 1.54
C ILE A 571 -20.79 25.13 3.01
N GLU A 572 -20.54 26.41 3.25
CA GLU A 572 -20.30 26.92 4.59
C GLU A 572 -21.45 27.81 5.02
N ASP A 573 -21.91 27.63 6.26
CA ASP A 573 -23.04 28.36 6.83
C ASP A 573 -22.57 29.30 7.94
N LYS A 574 -23.52 29.90 8.65
CA LYS A 574 -23.19 30.92 9.65
C LYS A 574 -22.48 30.36 10.87
N ASN A 575 -22.61 29.07 11.16
CA ASN A 575 -21.87 28.45 12.25
C ASN A 575 -20.54 27.87 11.79
N ARG A 576 -20.11 28.19 10.58
CA ARG A 576 -18.86 27.76 9.96
C ARG A 576 -18.83 26.24 9.76
N ASP A 577 -19.99 25.59 9.79
CA ASP A 577 -20.08 24.19 9.40
C ASP A 577 -19.96 24.07 7.89
N ARG A 578 -19.31 23.00 7.44
CA ARG A 578 -19.06 22.82 6.02
C ARG A 578 -19.63 21.48 5.56
N TYR A 579 -20.35 21.53 4.44
CA TYR A 579 -21.00 20.39 3.84
C TYR A 579 -20.28 20.02 2.55
N LEU A 580 -20.81 19.02 1.86
CA LEU A 580 -20.30 18.62 0.55
C LEU A 580 -21.50 18.30 -0.32
N LEU A 581 -21.84 19.21 -1.23
CA LEU A 581 -22.97 19.02 -2.13
C LEU A 581 -22.47 18.36 -3.40
N ALA A 582 -22.39 17.03 -3.39
CA ALA A 582 -21.90 16.25 -4.52
C ALA A 582 -23.08 15.81 -5.37
N SER A 583 -22.92 15.89 -6.69
CA SER A 583 -23.97 15.55 -7.63
C SER A 583 -23.42 14.56 -8.64
N GLU A 584 -24.15 13.47 -8.87
CA GLU A 584 -23.73 12.47 -9.85
C GLU A 584 -23.72 13.08 -11.25
N LEU A 585 -22.69 12.72 -12.02
CA LEU A 585 -22.59 13.16 -13.41
C LEU A 585 -23.42 12.29 -14.34
N LYS A 586 -23.89 11.14 -13.86
CA LYS A 586 -24.73 10.24 -14.63
C LYS A 586 -26.16 10.19 -14.09
N HIS A 587 -26.56 11.20 -13.31
CA HIS A 587 -27.78 11.09 -12.52
C HIS A 587 -29.03 11.18 -13.37
N GLU A 588 -29.01 12.03 -14.39
CA GLU A 588 -30.20 12.32 -15.19
C GLU A 588 -29.73 12.92 -16.51
N GLN A 589 -30.68 13.21 -17.40
CA GLN A 589 -30.39 13.71 -18.73
C GLN A 589 -29.93 15.17 -18.75
N ILE A 590 -30.03 15.88 -17.63
CA ILE A 590 -29.63 17.28 -17.59
C ILE A 590 -28.12 17.38 -17.34
N ASN A 591 -27.57 18.55 -17.61
CA ASN A 591 -26.14 18.78 -17.39
C ASN A 591 -25.88 19.00 -15.90
N HIS A 592 -25.14 18.09 -15.29
CA HIS A 592 -24.97 18.08 -13.84
C HIS A 592 -23.74 18.84 -13.38
N VAL A 593 -22.97 19.42 -14.29
CA VAL A 593 -21.97 20.42 -13.93
C VAL A 593 -22.62 21.78 -13.76
N SER A 594 -23.49 22.15 -14.71
CA SER A 594 -24.17 23.43 -14.67
C SER A 594 -25.24 23.50 -13.59
N THR A 595 -25.78 22.35 -13.17
CA THR A 595 -26.92 22.36 -12.24
C THR A 595 -26.53 22.96 -10.89
N ILE A 596 -25.33 22.63 -10.39
CA ILE A 596 -24.87 23.24 -9.15
C ILE A 596 -24.42 24.68 -9.39
N LEU A 597 -23.74 24.94 -10.50
CA LEU A 597 -23.11 26.25 -10.70
C LEU A 597 -24.13 27.32 -11.09
N ASN A 598 -25.20 26.93 -11.79
CA ASN A 598 -26.21 27.92 -12.19
C ASN A 598 -26.96 28.46 -10.98
N LYS A 599 -27.02 27.71 -9.90
CA LYS A 599 -27.73 28.13 -8.70
C LYS A 599 -26.88 28.97 -7.77
N LEU A 600 -25.65 29.29 -8.14
CA LEU A 600 -24.79 30.13 -7.31
C LEU A 600 -25.11 31.60 -7.55
N ASP A 601 -25.13 32.36 -6.45
CA ASP A 601 -25.40 33.79 -6.48
C ASP A 601 -24.26 34.51 -5.77
N LYS A 602 -24.43 35.80 -5.50
CA LYS A 602 -23.41 36.55 -4.76
C LYS A 602 -23.88 37.00 -3.38
N SER A 603 -25.19 37.12 -3.15
CA SER A 603 -25.70 37.64 -1.89
C SER A 603 -26.56 36.63 -1.13
N SER A 604 -26.26 35.33 -1.25
CA SER A 604 -27.02 34.33 -0.53
C SER A 604 -26.40 34.09 0.85
N GLU A 605 -26.92 33.08 1.56
CA GLU A 605 -26.53 32.84 2.95
C GLU A 605 -25.53 31.71 3.13
N PHE A 606 -25.44 30.79 2.19
CA PHE A 606 -24.54 29.64 2.29
C PHE A 606 -23.37 29.85 1.34
N ILE A 607 -22.20 30.15 1.90
CA ILE A 607 -21.00 30.35 1.09
C ILE A 607 -20.53 29.02 0.54
N THR A 608 -20.29 28.96 -0.77
CA THR A 608 -19.81 27.75 -1.43
C THR A 608 -18.39 27.98 -1.92
N TYR A 609 -17.58 26.93 -1.86
CA TYR A 609 -16.21 26.98 -2.31
C TYR A 609 -15.98 25.94 -3.40
N GLN A 610 -15.11 26.26 -4.34
CA GLN A 610 -14.66 25.32 -5.35
C GLN A 610 -13.29 25.76 -5.85
N VAL A 611 -12.47 24.78 -6.22
CA VAL A 611 -11.08 25.05 -6.55
C VAL A 611 -10.99 25.56 -7.99
N LYS A 612 -10.33 26.69 -8.15
CA LYS A 612 -9.94 27.22 -9.46
C LYS A 612 -8.44 27.03 -9.58
N SER A 613 -8.01 26.10 -10.43
CA SER A 613 -6.59 25.78 -10.51
C SER A 613 -6.24 25.23 -11.88
N LEU A 614 -4.95 25.31 -12.19
CA LEU A 614 -4.38 24.77 -13.41
C LEU A 614 -3.07 24.07 -13.06
N THR A 615 -2.70 23.09 -13.87
CA THR A 615 -1.45 22.36 -13.64
C THR A 615 -0.72 22.18 -14.96
N SER A 616 0.56 21.78 -14.84
CA SER A 616 1.35 21.45 -16.02
C SER A 616 0.82 20.22 -16.73
N LYS A 617 0.21 19.29 -15.97
CA LYS A 617 -0.45 18.13 -16.56
C LYS A 617 -1.57 18.57 -17.52
N THR A 618 -2.41 19.50 -17.06
CA THR A 618 -3.46 20.03 -17.92
C THR A 618 -2.88 20.77 -19.12
N LEU A 619 -1.81 21.53 -18.90
CA LEU A 619 -1.19 22.29 -19.98
C LEU A 619 -0.65 21.36 -21.07
N ILE A 620 0.04 20.29 -20.68
CA ILE A 620 0.59 19.38 -21.67
C ILE A 620 -0.53 18.58 -22.34
N LYS A 621 -1.64 18.37 -21.64
CA LYS A 621 -2.78 17.75 -22.31
C LYS A 621 -3.42 18.70 -23.32
N LEU A 622 -3.39 20.00 -23.05
CA LEU A 622 -3.99 20.97 -23.97
C LEU A 622 -3.11 21.22 -25.19
N ILE A 623 -1.79 21.23 -25.03
CA ILE A 623 -0.90 21.57 -26.15
C ILE A 623 -0.80 20.42 -27.14
N LYS A 624 -0.57 19.20 -26.64
CA LYS A 624 -0.26 18.08 -27.53
C LYS A 624 -1.51 17.62 -28.29
N ASN A 625 -2.68 17.77 -27.68
CA ASN A 625 -3.90 17.23 -28.26
C ASN A 625 -4.64 18.22 -29.14
N HIS A 626 -4.09 19.41 -29.34
CA HIS A 626 -4.64 20.34 -30.31
C HIS A 626 -4.47 19.79 -31.72
N THR A 627 -5.42 20.11 -32.58
CA THR A 627 -5.48 19.51 -33.91
C THR A 627 -5.67 20.60 -34.95
N THR A 628 -4.91 20.50 -36.04
CA THR A 628 -5.03 21.45 -37.14
C THR A 628 -5.34 20.69 -38.43
N LYS A 629 -6.20 19.67 -38.36
CA LYS A 629 -6.65 19.00 -39.56
C LYS A 629 -7.82 19.77 -40.17
N LYS A 630 -8.13 19.43 -41.43
CA LYS A 630 -9.11 20.20 -42.20
C LYS A 630 -10.51 20.05 -41.63
N GLY A 631 -10.97 18.83 -41.41
CA GLY A 631 -12.31 18.57 -40.93
C GLY A 631 -12.46 18.49 -39.44
N ALA A 632 -11.40 18.70 -38.68
CA ALA A 632 -11.46 18.52 -37.24
C ALA A 632 -11.74 19.83 -36.54
N ILE A 633 -12.59 19.78 -35.51
CA ILE A 633 -12.76 20.90 -34.60
C ILE A 633 -12.26 20.43 -33.23
N SER A 634 -11.00 20.74 -32.93
CA SER A 634 -10.42 20.32 -31.67
C SER A 634 -11.10 21.03 -30.50
N PRO A 635 -11.29 20.34 -29.37
CA PRO A 635 -11.91 20.99 -28.21
C PRO A 635 -11.01 22.03 -27.54
N TYR A 636 -9.76 22.14 -27.98
CA TYR A 636 -8.76 22.96 -27.32
C TYR A 636 -8.45 24.22 -28.11
N ALA A 637 -9.29 24.55 -29.10
CA ALA A 637 -9.06 25.74 -29.92
C ALA A 637 -9.18 27.03 -29.14
N ASP A 638 -9.89 27.01 -28.01
CA ASP A 638 -9.90 28.17 -27.12
C ASP A 638 -8.52 28.43 -26.54
N PHE A 639 -7.80 27.37 -26.18
CA PHE A 639 -6.51 27.52 -25.52
C PHE A 639 -5.44 28.04 -26.46
N HIS A 640 -5.56 27.81 -27.75
CA HIS A 640 -4.48 28.06 -28.70
C HIS A 640 -4.75 29.31 -29.53
N THR A 641 -3.76 30.19 -29.57
CA THR A 641 -3.81 31.42 -30.33
C THR A 641 -3.23 31.19 -31.72
N SER A 642 -3.15 32.26 -32.51
CA SER A 642 -2.77 32.17 -33.91
C SER A 642 -1.31 32.57 -34.17
N LYS A 643 -0.39 32.30 -33.25
CA LYS A 643 1.00 32.62 -33.52
C LYS A 643 1.64 31.53 -34.39
N THR A 644 2.95 31.67 -34.57
CA THR A 644 3.75 30.82 -35.44
C THR A 644 4.20 29.54 -34.75
N GLY A 645 4.10 29.47 -33.43
CA GLY A 645 4.75 28.43 -32.67
C GLY A 645 4.14 27.06 -32.69
N PHE A 646 2.96 26.87 -33.28
CA PHE A 646 2.31 25.57 -33.31
C PHE A 646 2.64 24.85 -34.61
N ASN A 647 3.31 23.69 -34.48
CA ASN A 647 3.56 22.79 -35.60
C ASN A 647 3.32 21.38 -35.07
N LYS A 648 2.27 20.73 -35.56
CA LYS A 648 1.79 19.50 -34.93
C LYS A 648 2.79 18.36 -35.03
N ASN A 649 3.44 18.19 -36.19
CA ASN A 649 4.38 17.10 -36.35
C ASN A 649 5.60 17.27 -35.44
N GLU A 650 6.05 18.51 -35.26
CA GLU A 650 7.20 18.76 -34.39
C GLU A 650 6.81 18.58 -32.93
N ILE A 651 5.54 18.86 -32.60
CA ILE A 651 5.08 18.66 -31.22
C ILE A 651 4.81 17.18 -30.95
N GLU A 652 4.21 16.47 -31.91
CA GLU A 652 3.83 15.09 -31.67
C GLU A 652 5.05 14.16 -31.64
N LYS A 653 5.85 14.17 -32.70
CA LYS A 653 6.94 13.22 -32.84
C LYS A 653 8.23 13.64 -32.15
N ASN A 654 8.43 14.94 -31.92
CA ASN A 654 9.70 15.46 -31.45
C ASN A 654 9.47 16.48 -30.33
N TRP A 655 8.68 16.09 -29.32
CA TRP A 655 8.30 17.05 -28.28
C TRP A 655 9.49 17.48 -27.44
N ASP A 656 10.36 16.52 -27.05
CA ASP A 656 11.43 16.83 -26.12
C ASP A 656 12.52 17.69 -26.72
N ASN A 657 12.51 17.87 -28.05
CA ASN A 657 13.41 18.82 -28.69
C ASN A 657 12.74 20.13 -29.04
N TYR A 658 11.42 20.12 -29.27
CA TYR A 658 10.74 21.37 -29.56
C TYR A 658 10.40 22.14 -28.29
N LYS A 659 10.41 21.47 -27.14
CA LYS A 659 10.08 22.17 -25.90
C LYS A 659 11.16 23.17 -25.50
N ARG A 660 12.38 23.01 -26.03
CA ARG A 660 13.46 23.94 -25.74
C ARG A 660 13.53 25.10 -26.73
N GLU A 661 12.77 25.04 -27.82
CA GLU A 661 12.82 26.10 -28.81
C GLU A 661 12.06 27.33 -28.32
N GLN A 662 12.60 28.50 -28.62
CA GLN A 662 12.04 29.74 -28.09
C GLN A 662 10.70 30.08 -28.73
N VAL A 663 10.46 29.62 -29.95
CA VAL A 663 9.20 29.92 -30.62
C VAL A 663 8.04 29.22 -29.91
N LEU A 664 8.27 28.00 -29.43
CA LEU A 664 7.24 27.31 -28.68
C LEU A 664 7.04 27.92 -27.30
N VAL A 665 8.12 28.37 -26.65
CA VAL A 665 7.99 29.01 -25.34
C VAL A 665 7.17 30.29 -25.45
N GLU A 666 7.46 31.11 -26.47
CA GLU A 666 6.69 32.32 -26.70
C GLU A 666 5.24 32.01 -27.07
N TYR A 667 5.03 30.97 -27.88
CA TYR A 667 3.68 30.58 -28.25
C TYR A 667 2.87 30.10 -27.04
N VAL A 668 3.51 29.33 -26.15
CA VAL A 668 2.81 28.84 -24.97
C VAL A 668 2.51 29.99 -24.01
N LYS A 669 3.44 30.95 -23.89
CA LYS A 669 3.19 32.13 -23.07
C LYS A 669 2.00 32.92 -23.60
N ASP A 670 1.91 33.08 -24.92
CA ASP A 670 0.78 33.83 -25.47
C ASP A 670 -0.51 33.00 -25.43
N CYS A 671 -0.40 31.68 -25.41
CA CYS A 671 -1.59 30.85 -25.23
C CYS A 671 -2.11 30.93 -23.79
N LEU A 672 -1.22 31.12 -22.82
CA LEU A 672 -1.64 31.31 -21.45
C LEU A 672 -2.03 32.74 -21.13
N THR A 673 -1.65 33.70 -21.97
CA THR A 673 -1.98 35.11 -21.71
C THR A 673 -3.14 35.61 -22.54
N ASP A 674 -3.07 35.51 -23.87
CA ASP A 674 -3.99 36.19 -24.76
C ASP A 674 -4.87 35.25 -25.57
N SER A 675 -5.13 34.04 -25.09
CA SER A 675 -5.98 33.14 -25.84
C SER A 675 -7.45 33.33 -25.44
N THR A 676 -8.32 32.60 -26.14
CA THR A 676 -9.74 32.61 -25.81
C THR A 676 -9.97 32.00 -24.43
N MET A 677 -9.26 30.92 -24.12
CA MET A 677 -9.46 30.24 -22.85
C MET A 677 -8.91 31.03 -21.68
N ALA A 678 -7.95 31.91 -21.94
CA ALA A 678 -7.35 32.70 -20.85
C ALA A 678 -8.25 33.85 -20.43
N LYS A 679 -9.22 34.21 -21.27
CA LYS A 679 -10.15 35.27 -20.91
C LYS A 679 -11.52 34.72 -20.55
N ASN A 680 -11.89 33.57 -21.12
CA ASN A 680 -13.15 32.93 -20.74
C ASN A 680 -13.06 32.36 -19.33
N GLN A 681 -11.98 31.65 -19.03
CA GLN A 681 -11.75 31.12 -17.70
C GLN A 681 -11.06 32.11 -16.78
N ASN A 682 -10.75 33.30 -17.29
CA ASN A 682 -10.13 34.40 -16.54
C ASN A 682 -8.81 33.96 -15.91
N TRP A 683 -7.87 33.60 -16.77
CA TRP A 683 -6.58 33.12 -16.31
C TRP A 683 -5.68 34.26 -15.83
N ALA A 684 -6.05 35.52 -16.10
CA ALA A 684 -5.29 36.65 -15.57
C ALA A 684 -5.43 36.80 -14.08
N GLU A 685 -6.42 36.14 -13.46
CA GLU A 685 -6.63 36.19 -12.03
C GLU A 685 -5.66 35.27 -11.28
N PHE A 686 -4.98 34.36 -11.98
CA PHE A 686 -3.99 33.50 -11.36
C PHE A 686 -2.74 34.25 -10.93
N GLY A 687 -2.52 35.47 -11.44
CA GLY A 687 -1.31 36.20 -11.14
C GLY A 687 -0.08 35.63 -11.79
N TRP A 688 -0.16 35.26 -13.06
CA TRP A 688 1.00 34.73 -13.76
C TRP A 688 1.97 35.85 -14.15
N ASN A 689 3.22 35.46 -14.36
CA ASN A 689 4.25 36.41 -14.80
C ASN A 689 5.31 35.62 -15.56
N PHE A 690 5.27 35.72 -16.88
CA PHE A 690 6.18 34.97 -17.75
C PHE A 690 7.34 35.80 -18.26
N GLU A 691 7.65 36.92 -17.60
CA GLU A 691 8.78 37.74 -18.03
C GLU A 691 10.10 37.10 -17.67
N LYS A 692 10.10 36.14 -16.74
CA LYS A 692 11.31 35.43 -16.35
C LYS A 692 11.41 34.04 -16.97
N CYS A 693 10.34 33.56 -17.60
CA CYS A 693 10.28 32.18 -18.11
C CYS A 693 10.78 32.17 -19.56
N ASN A 694 12.04 31.75 -19.74
CA ASN A 694 12.63 31.58 -21.06
C ASN A 694 12.73 30.11 -21.45
N SER A 695 11.90 29.25 -20.87
CA SER A 695 11.94 27.83 -21.16
C SER A 695 10.56 27.25 -20.88
N TYR A 696 10.33 26.03 -21.38
CA TYR A 696 9.04 25.38 -21.13
C TYR A 696 8.94 24.84 -19.72
N GLU A 697 10.05 24.39 -19.15
CA GLU A 697 10.04 23.95 -17.76
C GLU A 697 9.76 25.11 -16.82
N ASP A 698 10.26 26.31 -17.15
CA ASP A 698 9.92 27.50 -16.38
C ASP A 698 8.43 27.80 -16.47
N ILE A 699 7.84 27.63 -17.66
CA ILE A 699 6.41 27.85 -17.85
C ILE A 699 5.61 26.88 -17.00
N GLU A 700 5.99 25.60 -17.03
CA GLU A 700 5.27 24.59 -16.26
C GLU A 700 5.41 24.85 -14.76
N HIS A 701 6.59 25.26 -14.32
CA HIS A 701 6.78 25.56 -12.90
C HIS A 701 5.97 26.77 -12.46
N GLU A 702 5.93 27.82 -13.28
CA GLU A 702 5.13 29.00 -12.95
C GLU A 702 3.64 28.66 -12.92
N ILE A 703 3.20 27.78 -13.83
CA ILE A 703 1.81 27.33 -13.80
C ILE A 703 1.54 26.53 -12.54
N ASP A 704 2.43 25.60 -12.20
CA ASP A 704 2.23 24.77 -11.02
C ASP A 704 2.39 25.54 -9.71
N GLN A 705 2.94 26.75 -9.76
CA GLN A 705 3.18 27.53 -8.55
C GLN A 705 2.04 28.51 -8.24
N LYS A 706 1.61 29.28 -9.22
CA LYS A 706 0.67 30.37 -8.97
C LYS A 706 -0.78 29.99 -9.17
N SER A 707 -1.08 28.91 -9.88
CA SER A 707 -2.43 28.66 -10.37
C SER A 707 -3.27 27.94 -9.31
N TYR A 708 -3.72 28.71 -8.32
CA TYR A 708 -4.69 28.21 -7.36
C TYR A 708 -5.49 29.33 -6.72
N LEU A 709 -6.80 29.29 -6.89
CA LEU A 709 -7.70 30.17 -6.17
C LEU A 709 -8.90 29.36 -5.72
N LEU A 710 -9.36 29.62 -4.50
CA LEU A 710 -10.53 28.95 -3.95
C LEU A 710 -11.74 29.81 -4.28
N GLN A 711 -12.44 29.47 -5.35
CA GLN A 711 -13.48 30.31 -5.92
C GLN A 711 -14.71 30.28 -5.03
N SER A 712 -14.91 31.34 -4.25
CA SER A 712 -15.99 31.41 -3.27
C SER A 712 -17.21 32.07 -3.87
N ASP A 713 -18.33 31.36 -3.85
CA ASP A 713 -19.63 31.90 -4.26
C ASP A 713 -20.63 31.66 -3.13
N THR A 714 -21.91 31.93 -3.38
CA THR A 714 -22.95 31.69 -2.40
C THR A 714 -24.13 30.97 -3.03
N ILE A 715 -24.84 30.20 -2.20
CA ILE A 715 -26.02 29.45 -2.64
C ILE A 715 -27.10 29.60 -1.57
N SER A 716 -28.35 29.38 -1.96
CA SER A 716 -29.48 29.64 -1.09
C SER A 716 -30.00 28.35 -0.47
N LYS A 717 -30.87 28.51 0.52
CA LYS A 717 -31.50 27.37 1.19
C LYS A 717 -32.36 26.57 0.22
N GLN A 718 -33.16 27.26 -0.59
CA GLN A 718 -34.06 26.58 -1.51
C GLN A 718 -33.29 25.89 -2.62
N SER A 719 -32.15 26.45 -3.02
CA SER A 719 -31.32 25.80 -4.04
C SER A 719 -30.76 24.48 -3.52
N ILE A 720 -30.29 24.47 -2.27
CA ILE A 720 -29.78 23.23 -1.68
C ILE A 720 -30.91 22.22 -1.50
N ALA A 721 -32.10 22.70 -1.11
CA ALA A 721 -33.26 21.81 -1.00
C ALA A 721 -33.61 21.19 -2.34
N SER A 722 -33.61 21.99 -3.40
CA SER A 722 -33.97 21.49 -4.72
C SER A 722 -32.90 20.54 -5.26
N LEU A 723 -31.64 20.76 -4.90
CA LEU A 723 -30.58 19.88 -5.36
C LEU A 723 -30.60 18.55 -4.62
N VAL A 724 -30.78 18.59 -3.29
CA VAL A 724 -30.83 17.35 -2.50
C VAL A 724 -32.08 16.54 -2.84
N GLU A 725 -33.23 17.21 -3.01
CA GLU A 725 -34.43 16.52 -3.47
C GLU A 725 -34.27 16.04 -4.92
N GLY A 726 -33.37 16.66 -5.68
CA GLY A 726 -33.07 16.24 -7.02
C GLY A 726 -32.13 15.06 -7.14
N GLY A 727 -31.65 14.54 -6.01
CA GLY A 727 -30.80 13.36 -6.01
C GLY A 727 -29.38 13.58 -5.53
N CYS A 728 -28.97 14.83 -5.33
CA CYS A 728 -27.61 15.11 -4.89
C CYS A 728 -27.40 14.64 -3.45
N LEU A 729 -26.14 14.53 -3.06
CA LEU A 729 -25.78 14.09 -1.72
C LEU A 729 -25.21 15.28 -0.96
N LEU A 730 -25.74 15.52 0.23
CA LEU A 730 -25.20 16.52 1.14
C LEU A 730 -24.45 15.81 2.27
N LEU A 731 -23.20 15.48 1.99
CA LEU A 731 -22.37 14.86 3.01
C LEU A 731 -21.84 15.92 3.96
N PRO A 732 -22.08 15.80 5.26
CA PRO A 732 -21.52 16.77 6.21
C PRO A 732 -20.08 16.42 6.55
N ILE A 733 -19.19 17.39 6.43
CA ILE A 733 -17.77 17.15 6.70
C ILE A 733 -17.54 17.22 8.20
N ILE A 734 -17.09 16.13 8.79
CA ILE A 734 -17.11 15.94 10.25
C ILE A 734 -15.74 15.46 10.71
N ASN A 735 -15.22 16.09 11.77
CA ASN A 735 -14.26 15.43 12.63
C ASN A 735 -14.54 15.88 14.05
N GLN A 736 -13.69 15.45 14.99
CA GLN A 736 -13.96 15.69 16.41
C GLN A 736 -13.88 17.18 16.75
N ASP A 737 -12.99 17.92 16.10
CA ASP A 737 -12.74 19.30 16.51
C ASP A 737 -13.68 20.28 15.82
N ILE A 738 -13.99 20.06 14.54
CA ILE A 738 -14.79 21.05 13.81
C ILE A 738 -16.28 20.87 14.04
N THR A 739 -16.68 19.81 14.74
CA THR A 739 -18.08 19.60 15.11
C THR A 739 -18.28 19.62 16.62
N SER A 740 -17.29 20.04 17.39
CA SER A 740 -17.40 20.05 18.84
C SER A 740 -18.18 21.27 19.30
N LYS A 741 -18.21 21.48 20.62
CA LYS A 741 -18.93 22.61 21.18
C LYS A 741 -18.14 23.90 21.02
N GLU A 742 -16.96 23.97 21.63
CA GLU A 742 -16.03 25.07 21.45
C GLU A 742 -15.07 24.67 20.33
N ARG A 743 -15.40 25.06 19.10
CA ARG A 743 -14.70 24.55 17.92
C ARG A 743 -13.32 25.20 17.82
N LYS A 744 -12.40 24.65 18.60
CA LYS A 744 -10.99 25.01 18.51
C LYS A 744 -10.23 23.89 17.84
N ASP A 745 -9.34 24.26 16.92
CA ASP A 745 -8.63 23.28 16.11
C ASP A 745 -7.42 22.75 16.89
N LYS A 746 -7.53 21.53 17.39
CA LYS A 746 -6.42 20.87 18.05
C LYS A 746 -5.70 19.89 17.14
N ASN A 747 -6.43 19.22 16.25
CA ASN A 747 -5.81 18.30 15.31
C ASN A 747 -5.06 19.07 14.23
N GLN A 748 -4.06 18.41 13.66
CA GLN A 748 -3.40 18.99 12.49
C GLN A 748 -4.26 18.90 11.24
N PHE A 749 -5.13 17.90 11.16
CA PHE A 749 -6.01 17.80 9.99
C PHE A 749 -7.07 18.91 10.02
N SER A 750 -7.57 19.26 11.21
CA SER A 750 -8.55 20.34 11.30
C SER A 750 -7.88 21.70 11.15
N LYS A 751 -6.66 21.84 11.65
CA LYS A 751 -5.89 23.06 11.41
C LYS A 751 -5.61 23.25 9.92
N ASP A 752 -5.26 22.16 9.22
CA ASP A 752 -5.08 22.23 7.78
C ASP A 752 -6.41 22.47 7.07
N TRP A 753 -7.51 21.95 7.61
CA TRP A 753 -8.82 22.16 7.02
C TRP A 753 -9.23 23.63 7.06
N ASN A 754 -8.99 24.29 8.18
CA ASN A 754 -9.32 25.71 8.26
C ASN A 754 -8.20 26.60 7.70
N HIS A 755 -7.05 26.02 7.36
CA HIS A 755 -6.04 26.74 6.61
C HIS A 755 -6.30 26.67 5.11
N ILE A 756 -6.98 25.62 4.64
CA ILE A 756 -7.33 25.49 3.23
C ILE A 756 -8.31 26.58 2.81
N PHE A 757 -9.30 26.89 3.66
CA PHE A 757 -10.37 27.81 3.29
C PHE A 757 -10.01 29.27 3.57
N GLU A 758 -8.73 29.58 3.67
CA GLU A 758 -8.27 30.95 3.60
C GLU A 758 -7.86 31.35 2.19
N GLY A 759 -7.92 30.43 1.23
CA GLY A 759 -7.58 30.72 -0.14
C GLY A 759 -6.10 30.85 -0.42
N SER A 760 -5.24 30.48 0.52
CA SER A 760 -3.81 30.64 0.36
C SER A 760 -3.26 29.72 -0.72
N LYS A 761 -2.31 30.24 -1.51
CA LYS A 761 -1.72 29.45 -2.58
C LYS A 761 -0.79 28.35 -2.05
N GLU A 762 -0.12 28.59 -0.93
CA GLU A 762 0.93 27.67 -0.49
C GLU A 762 0.35 26.38 0.05
N PHE A 763 -0.90 26.41 0.52
CA PHE A 763 -1.58 25.23 1.03
C PHE A 763 -2.89 25.08 0.27
N ARG A 764 -2.92 24.15 -0.68
CA ARG A 764 -4.03 24.04 -1.60
C ARG A 764 -4.97 22.92 -1.19
N LEU A 765 -6.05 22.79 -1.94
CA LEU A 765 -6.95 21.64 -1.86
C LEU A 765 -6.98 21.01 -3.25
N HIS A 766 -6.51 19.78 -3.36
CA HIS A 766 -6.62 19.06 -4.61
C HIS A 766 -8.09 18.81 -4.91
N PRO A 767 -8.56 19.18 -6.10
CA PRO A 767 -10.01 19.10 -6.38
C PRO A 767 -10.57 17.69 -6.32
N GLU A 768 -9.76 16.67 -6.56
CA GLU A 768 -10.24 15.30 -6.54
C GLU A 768 -10.07 14.69 -5.16
N PHE A 769 -11.11 14.01 -4.71
CA PHE A 769 -11.06 13.26 -3.47
C PHE A 769 -12.09 12.15 -3.56
N ALA A 770 -11.80 11.06 -2.86
CA ALA A 770 -12.63 9.87 -2.91
C ALA A 770 -13.41 9.74 -1.62
N VAL A 771 -14.72 9.53 -1.76
CA VAL A 771 -15.58 9.20 -0.62
C VAL A 771 -15.69 7.68 -0.58
N SER A 772 -15.51 7.12 0.61
CA SER A 772 -15.66 5.69 0.83
C SER A 772 -16.68 5.46 1.93
N TYR A 773 -16.97 4.19 2.20
CA TYR A 773 -17.83 3.86 3.32
C TYR A 773 -17.36 2.58 3.98
N ARG A 774 -17.63 2.46 5.27
CA ARG A 774 -17.30 1.28 6.05
C ARG A 774 -18.58 0.78 6.71
N THR A 775 -18.94 -0.47 6.44
CA THR A 775 -20.17 -1.03 6.99
C THR A 775 -20.03 -1.25 8.49
N PRO A 776 -21.13 -1.16 9.23
CA PRO A 776 -21.06 -1.38 10.69
C PRO A 776 -20.71 -2.83 11.01
N ILE A 777 -19.96 -3.01 12.09
CA ILE A 777 -19.57 -4.33 12.55
C ILE A 777 -20.61 -4.81 13.55
N GLU A 778 -21.12 -6.02 13.35
CA GLU A 778 -22.06 -6.59 14.31
C GLU A 778 -21.38 -6.86 15.64
N GLY A 779 -22.11 -6.64 16.72
CA GLY A 779 -21.54 -6.66 18.05
C GLY A 779 -20.97 -5.34 18.52
N TYR A 780 -21.16 -4.26 17.77
CA TYR A 780 -20.71 -2.94 18.12
C TYR A 780 -21.90 -2.01 18.26
N PRO A 781 -22.00 -1.24 19.35
CA PRO A 781 -23.13 -0.33 19.51
C PRO A 781 -23.04 0.86 18.57
N VAL A 782 -24.16 1.59 18.47
CA VAL A 782 -24.22 2.76 17.63
C VAL A 782 -23.39 3.91 18.20
N GLN A 783 -23.06 3.86 19.50
CA GLN A 783 -22.25 4.88 20.13
C GLN A 783 -20.80 4.87 19.68
N LYS A 784 -20.37 3.83 18.95
CA LYS A 784 -19.01 3.73 18.47
C LYS A 784 -18.97 3.73 16.96
N ARG A 785 -17.83 4.15 16.40
CA ARG A 785 -17.71 4.37 14.97
C ARG A 785 -17.76 3.10 14.16
N TYR A 786 -17.54 1.94 14.79
CA TYR A 786 -17.59 0.67 14.07
C TYR A 786 -18.97 0.03 14.14
N GLY A 787 -19.87 0.56 14.95
CA GLY A 787 -21.25 0.12 14.95
C GLY A 787 -22.10 1.08 14.15
N ARG A 788 -21.44 1.87 13.33
CA ARG A 788 -22.08 2.92 12.55
C ARG A 788 -21.57 2.87 11.13
N LEU A 789 -22.48 3.05 10.17
CA LEU A 789 -22.10 3.12 8.77
C LEU A 789 -21.37 4.44 8.55
N GLN A 790 -20.05 4.38 8.45
CA GLN A 790 -19.21 5.57 8.41
C GLN A 790 -18.81 5.86 6.98
N PHE A 791 -19.14 7.06 6.51
CA PHE A 791 -18.66 7.57 5.24
C PHE A 791 -17.49 8.50 5.50
N VAL A 792 -16.43 8.33 4.72
CA VAL A 792 -15.20 9.10 4.91
C VAL A 792 -14.88 9.85 3.62
N CYS A 793 -14.75 11.17 3.73
CA CYS A 793 -14.24 12.01 2.65
C CYS A 793 -12.74 12.14 2.84
N ALA A 794 -11.96 11.80 1.82
CA ALA A 794 -10.50 11.81 1.92
C ALA A 794 -9.94 12.88 0.99
N PHE A 795 -9.90 14.11 1.51
CA PHE A 795 -9.40 15.23 0.74
C PHE A 795 -7.88 15.20 0.65
N ASN A 796 -7.35 15.61 -0.50
CA ASN A 796 -5.92 15.72 -0.72
C ASN A 796 -5.56 17.20 -0.67
N ALA A 797 -4.55 17.54 0.14
CA ALA A 797 -4.09 18.91 0.29
C ALA A 797 -2.64 18.99 -0.13
N HIS A 798 -2.32 19.92 -1.01
CA HIS A 798 -0.98 20.05 -1.57
C HIS A 798 -0.27 21.25 -0.96
N ILE A 799 0.97 21.04 -0.53
CA ILE A 799 1.86 22.11 -0.11
C ILE A 799 2.73 22.47 -1.31
N VAL A 800 2.49 23.63 -1.90
CA VAL A 800 3.26 24.13 -3.02
C VAL A 800 4.02 25.36 -2.56
N PRO A 801 5.35 25.28 -2.47
CA PRO A 801 6.14 26.42 -1.97
C PRO A 801 6.09 27.60 -2.93
N GLN A 802 5.66 28.75 -2.41
CA GLN A 802 5.44 29.94 -3.21
C GLN A 802 6.62 30.91 -3.18
N ASN A 803 7.72 30.55 -2.52
CA ASN A 803 8.83 31.48 -2.34
C ASN A 803 9.77 31.54 -3.53
N GLY A 804 9.72 30.56 -4.43
CA GLY A 804 10.60 30.55 -5.58
C GLY A 804 10.49 29.25 -6.36
N GLU A 805 11.63 28.65 -6.70
CA GLU A 805 11.63 27.35 -7.33
C GLU A 805 11.20 26.28 -6.33
N PHE A 806 10.28 25.41 -6.73
CA PHE A 806 9.95 24.26 -5.91
C PHE A 806 10.14 23.00 -6.75
N ILE A 807 10.31 21.87 -6.08
CA ILE A 807 10.45 20.59 -6.73
C ILE A 807 9.10 19.87 -6.66
N ASN A 808 8.50 19.59 -7.82
CA ASN A 808 7.19 19.00 -7.85
C ASN A 808 7.25 17.51 -7.51
N LEU A 809 6.09 16.87 -7.46
CA LEU A 809 6.01 15.49 -7.02
C LEU A 809 6.62 14.52 -8.02
N LYS A 810 6.47 14.80 -9.31
CA LYS A 810 7.00 13.89 -10.33
C LYS A 810 8.50 14.01 -10.45
N LYS A 811 9.05 15.21 -10.25
CA LYS A 811 10.49 15.37 -10.18
C LYS A 811 11.07 14.66 -8.95
N GLN A 812 10.28 14.56 -7.89
CA GLN A 812 10.75 13.89 -6.67
C GLN A 812 10.92 12.39 -6.90
N ILE A 813 10.01 11.76 -7.64
CA ILE A 813 10.09 10.31 -7.79
C ILE A 813 11.25 9.92 -8.71
N GLU A 814 11.71 10.83 -9.56
CA GLU A 814 12.92 10.56 -10.34
C GLU A 814 14.14 10.52 -9.43
N ASN A 815 14.19 11.42 -8.45
CA ASN A 815 15.32 11.47 -7.54
C ASN A 815 15.27 10.32 -6.54
N PHE A 816 14.07 9.86 -6.21
CA PHE A 816 13.94 8.75 -5.26
C PHE A 816 14.31 7.42 -5.92
N ASN A 817 14.18 7.32 -7.23
CA ASN A 817 14.42 6.07 -7.95
C ASN A 817 15.87 5.90 -8.36
N ASP A 818 16.70 6.93 -8.23
CA ASP A 818 18.12 6.84 -8.54
C ASP A 818 18.90 7.14 -7.26
N GLU A 819 19.73 6.18 -6.84
CA GLU A 819 20.47 6.37 -5.60
C GLU A 819 21.62 7.35 -5.75
N ASP A 820 22.13 7.56 -6.95
CA ASP A 820 23.16 8.57 -7.16
C ASP A 820 22.57 9.97 -7.12
N VAL A 821 21.40 10.17 -7.75
CA VAL A 821 20.70 11.43 -7.67
C VAL A 821 20.29 11.73 -6.22
N GLN A 822 19.80 10.71 -5.51
CA GLN A 822 19.40 10.90 -4.12
C GLN A 822 20.61 11.17 -3.23
N LYS A 823 21.75 10.54 -3.52
CA LYS A 823 22.98 10.81 -2.77
C LYS A 823 23.42 12.27 -2.95
N ARG A 824 23.40 12.74 -4.20
CA ARG A 824 23.76 14.13 -4.48
C ARG A 824 22.77 15.10 -3.84
N ASN A 825 21.48 14.74 -3.85
CA ASN A 825 20.45 15.59 -3.24
C ASN A 825 20.64 15.68 -1.73
N VAL A 826 20.95 14.56 -1.08
CA VAL A 826 21.20 14.58 0.37
C VAL A 826 22.43 15.42 0.67
N THR A 827 23.48 15.28 -0.16
CA THR A 827 24.71 16.03 0.07
C THR A 827 24.48 17.54 -0.10
N GLU A 828 23.73 17.94 -1.13
CA GLU A 828 23.49 19.37 -1.31
C GLU A 828 22.54 19.91 -0.25
N PHE A 829 21.58 19.08 0.19
CA PHE A 829 20.65 19.51 1.24
C PHE A 829 21.37 19.75 2.55
N ASN A 830 22.19 18.79 2.99
CA ASN A 830 22.84 19.02 4.27
C ASN A 830 24.07 19.92 4.16
N LYS A 831 24.55 20.19 2.94
CA LYS A 831 25.43 21.34 2.72
C LYS A 831 24.70 22.65 2.98
N LYS A 832 23.45 22.76 2.52
CA LYS A 832 22.63 23.93 2.82
C LYS A 832 22.35 24.03 4.32
N VAL A 833 22.08 22.89 4.97
CA VAL A 833 21.73 22.89 6.38
C VAL A 833 22.93 23.28 7.24
N ASN A 834 24.10 22.71 6.95
CA ASN A 834 25.26 22.95 7.80
C ASN A 834 25.81 24.36 7.63
N HIS A 835 25.48 25.02 6.52
CA HIS A 835 25.82 26.44 6.39
C HIS A 835 24.92 27.29 7.28
N ALA A 836 23.67 26.87 7.45
CA ALA A 836 22.73 27.62 8.29
C ALA A 836 23.12 27.51 9.76
N LEU A 837 23.41 26.29 10.23
CA LEU A 837 23.73 26.05 11.63
C LEU A 837 25.23 26.06 11.90
N SER A 838 26.02 26.72 11.04
CA SER A 838 27.46 26.81 11.29
C SER A 838 27.76 27.82 12.39
N ASP A 839 27.39 29.08 12.17
CA ASP A 839 27.67 30.14 13.11
C ASP A 839 26.49 30.41 14.04
N LYS A 840 25.69 29.41 14.32
CA LYS A 840 24.59 29.52 15.26
C LYS A 840 24.88 28.71 16.52
N GLU A 841 24.15 29.02 17.58
CA GLU A 841 24.30 28.33 18.85
C GLU A 841 23.35 27.12 18.89
N TYR A 842 23.72 26.09 18.14
CA TYR A 842 22.84 24.93 18.01
C TYR A 842 22.96 24.04 19.25
N VAL A 843 22.04 23.08 19.34
CA VAL A 843 22.10 22.01 20.33
C VAL A 843 22.01 20.70 19.55
N VAL A 844 22.33 19.60 20.24
CA VAL A 844 22.32 18.28 19.60
C VAL A 844 21.43 17.35 20.41
N ILE A 845 20.44 16.75 19.72
CA ILE A 845 19.44 15.89 20.32
C ILE A 845 19.76 14.43 20.01
N GLY A 846 20.43 13.74 20.93
CA GLY A 846 20.84 12.37 20.68
C GLY A 846 19.86 11.36 21.28
N ILE A 847 19.43 10.41 20.44
CA ILE A 847 18.38 9.46 20.80
C ILE A 847 18.94 8.05 20.75
N ASP A 848 18.86 7.36 21.89
CA ASP A 848 19.10 5.92 21.98
C ASP A 848 17.79 5.18 21.78
N ARG A 849 17.89 3.91 21.36
CA ARG A 849 16.73 3.06 21.21
C ARG A 849 17.04 1.68 21.76
N GLY A 850 16.06 1.09 22.41
CA GLY A 850 16.24 -0.23 22.96
C GLY A 850 14.91 -0.86 23.30
N LEU A 851 14.95 -1.78 24.26
CA LEU A 851 13.76 -2.43 24.78
C LEU A 851 13.44 -2.00 26.20
N LYS A 852 14.47 -1.73 27.01
CA LYS A 852 14.26 -1.25 28.37
C LYS A 852 13.55 0.10 28.36
N GLN A 853 14.00 1.00 27.49
CA GLN A 853 13.33 2.25 27.20
C GLN A 853 13.21 2.34 25.68
N LEU A 854 11.98 2.49 25.19
CA LEU A 854 11.72 2.42 23.75
C LEU A 854 12.43 3.53 22.98
N ALA A 855 12.72 4.66 23.62
CA ALA A 855 13.61 5.69 23.15
C ALA A 855 13.95 6.59 24.32
N THR A 856 15.22 6.98 24.42
CA THR A 856 15.62 7.93 25.43
C THR A 856 16.41 9.03 24.74
N LEU A 857 16.24 10.26 25.24
CA LEU A 857 16.68 11.44 24.51
C LEU A 857 17.56 12.30 25.40
N CYS A 858 18.62 12.85 24.81
CA CYS A 858 19.55 13.72 25.51
C CYS A 858 19.84 14.92 24.63
N VAL A 859 19.82 16.11 25.21
CA VAL A 859 20.07 17.35 24.50
C VAL A 859 21.40 17.91 25.01
N LEU A 860 22.33 18.16 24.10
CA LEU A 860 23.65 18.65 24.43
C LEU A 860 23.87 20.02 23.83
N ASP A 861 24.62 20.86 24.54
CA ASP A 861 25.15 22.08 23.96
C ASP A 861 26.23 21.72 22.94
N LYS A 862 26.53 22.68 22.06
CA LYS A 862 27.47 22.39 20.98
C LYS A 862 28.89 22.15 21.47
N ARG A 863 29.21 22.53 22.70
CA ARG A 863 30.44 22.11 23.34
C ARG A 863 30.31 20.79 24.09
N GLY A 864 29.11 20.21 24.11
CA GLY A 864 28.89 18.95 24.81
C GLY A 864 28.39 19.06 26.22
N LYS A 865 27.90 20.22 26.64
CA LYS A 865 27.30 20.35 27.97
C LYS A 865 25.91 19.74 27.95
N ILE A 866 25.62 18.90 28.94
CA ILE A 866 24.32 18.22 28.99
C ILE A 866 23.26 19.23 29.41
N LEU A 867 22.37 19.55 28.49
CA LEU A 867 21.24 20.43 28.78
C LEU A 867 20.08 19.63 29.36
N GLY A 868 18.92 20.28 29.45
CA GLY A 868 17.73 19.58 29.86
C GLY A 868 17.20 20.01 31.21
N ASP A 869 16.15 20.84 31.20
CA ASP A 869 15.39 21.18 32.40
C ASP A 869 13.91 20.94 32.14
N PHE A 870 13.60 19.79 31.52
CA PHE A 870 12.24 19.46 31.15
C PHE A 870 11.36 19.18 32.37
N GLU A 871 10.32 19.99 32.53
CA GLU A 871 9.33 19.76 33.57
C GLU A 871 8.40 18.63 33.13
N ILE A 872 8.34 17.56 33.90
CA ILE A 872 7.48 16.42 33.62
C ILE A 872 6.23 16.53 34.48
N TYR A 873 5.10 16.82 33.84
CA TYR A 873 3.84 17.01 34.52
C TYR A 873 3.10 15.69 34.67
N LYS A 874 1.89 15.76 35.21
CA LYS A 874 0.99 14.62 35.30
C LYS A 874 -0.44 15.10 35.15
N LYS A 875 -1.32 14.18 34.78
CA LYS A 875 -2.74 14.48 34.66
C LYS A 875 -3.51 13.88 35.82
N GLU A 876 -4.48 14.63 36.31
CA GLU A 876 -5.51 14.11 37.20
C GLU A 876 -6.83 14.72 36.76
N PHE A 877 -7.81 13.88 36.46
CA PHE A 877 -9.10 14.38 36.02
C PHE A 877 -9.88 14.97 37.19
N VAL A 878 -10.55 16.09 36.93
CA VAL A 878 -11.31 16.80 37.95
C VAL A 878 -12.77 16.83 37.55
N ARG A 879 -13.64 16.37 38.45
CA ARG A 879 -15.07 16.42 38.24
C ARG A 879 -15.59 17.73 38.81
N ALA A 880 -16.03 18.63 37.92
CA ALA A 880 -16.54 19.92 38.35
C ALA A 880 -17.98 19.79 38.84
N GLU A 881 -18.46 20.86 39.47
CA GLU A 881 -19.85 20.89 39.94
C GLU A 881 -20.81 20.87 38.76
N LYS A 882 -20.60 21.76 37.79
CA LYS A 882 -21.26 21.65 36.50
C LYS A 882 -20.57 20.54 35.71
N ARG A 883 -21.36 19.60 35.19
CA ARG A 883 -20.78 18.35 34.69
C ARG A 883 -19.98 18.56 33.42
N SER A 884 -20.42 19.47 32.55
CA SER A 884 -19.73 19.70 31.29
C SER A 884 -18.44 20.51 31.45
N GLU A 885 -18.17 21.05 32.64
CA GLU A 885 -16.97 21.83 32.90
C GLU A 885 -15.86 21.00 33.52
N SER A 886 -16.02 19.68 33.59
CA SER A 886 -14.95 18.82 34.06
C SER A 886 -13.79 18.83 33.06
N HIS A 887 -12.57 18.77 33.58
CA HIS A 887 -11.41 18.93 32.73
C HIS A 887 -10.20 18.27 33.36
N TRP A 888 -9.15 18.13 32.55
CA TRP A 888 -7.86 17.67 33.02
C TRP A 888 -7.06 18.85 33.54
N GLU A 889 -6.61 18.80 34.78
CA GLU A 889 -5.68 19.78 35.29
C GLU A 889 -4.31 19.12 35.39
N HIS A 890 -3.31 19.77 34.81
CA HIS A 890 -1.95 19.24 34.79
C HIS A 890 -1.12 19.87 35.89
N THR A 891 -0.44 19.02 36.65
CA THR A 891 0.44 19.48 37.73
C THR A 891 1.83 18.89 37.53
N GLN A 892 2.84 19.71 37.82
CA GLN A 892 4.22 19.26 37.70
C GLN A 892 4.54 18.23 38.78
N ALA A 893 5.28 17.20 38.40
CA ALA A 893 5.64 16.13 39.32
C ALA A 893 7.13 15.88 39.43
N GLU A 894 7.88 15.96 38.32
CA GLU A 894 9.30 15.67 38.34
C GLU A 894 10.02 16.66 37.44
N THR A 895 11.34 16.73 37.59
CA THR A 895 12.22 17.48 36.68
C THR A 895 13.26 16.50 36.17
N ARG A 896 13.19 16.19 34.87
CA ARG A 896 14.08 15.22 34.25
C ARG A 896 14.91 15.89 33.18
N HIS A 897 16.14 15.43 33.01
CA HIS A 897 17.09 16.05 32.10
C HIS A 897 17.38 15.19 30.88
N ILE A 898 17.73 13.93 31.07
CA ILE A 898 17.84 12.98 29.97
C ILE A 898 16.55 12.18 29.96
N LEU A 899 15.68 12.48 29.01
CA LEU A 899 14.31 12.00 29.03
C LEU A 899 14.24 10.52 28.66
N ASP A 900 13.35 9.81 29.33
CA ASP A 900 12.88 8.50 28.88
C ASP A 900 11.58 8.75 28.12
N LEU A 901 11.62 8.64 26.81
CA LEU A 901 10.47 9.00 25.99
C LEU A 901 9.36 7.95 26.04
N SER A 902 9.60 6.80 26.65
CA SER A 902 8.71 5.65 26.51
C SER A 902 7.31 5.95 27.01
N ASN A 903 7.20 6.62 28.16
CA ASN A 903 5.92 6.87 28.79
C ASN A 903 5.52 8.34 28.74
N LEU A 904 6.04 9.10 27.79
CA LEU A 904 5.78 10.52 27.69
C LEU A 904 4.87 10.83 26.51
N ARG A 905 4.10 11.91 26.65
CA ARG A 905 3.29 12.45 25.56
C ARG A 905 3.11 13.94 25.81
N VAL A 906 3.21 14.72 24.75
CA VAL A 906 2.97 16.16 24.85
C VAL A 906 1.49 16.39 25.14
N GLU A 907 1.21 17.22 26.13
CA GLU A 907 -0.16 17.53 26.51
C GLU A 907 -0.31 19.04 26.60
N THR A 908 -1.42 19.55 26.07
CA THR A 908 -1.75 20.96 26.13
C THR A 908 -2.71 21.19 27.29
N THR A 909 -2.34 22.06 28.22
CA THR A 909 -3.19 22.32 29.36
C THR A 909 -4.40 23.16 28.94
N ILE A 910 -5.29 23.41 29.90
CA ILE A 910 -6.48 24.20 29.61
C ILE A 910 -6.14 25.69 29.46
N GLU A 911 -4.96 26.12 29.91
CA GLU A 911 -4.49 27.47 29.69
C GLU A 911 -3.73 27.62 28.39
N GLY A 912 -3.61 26.55 27.60
CA GLY A 912 -2.97 26.59 26.31
C GLY A 912 -1.51 26.19 26.30
N LYS A 913 -0.86 26.12 27.46
CA LYS A 913 0.55 25.76 27.53
C LYS A 913 0.74 24.29 27.17
N LYS A 914 1.75 24.01 26.36
CA LYS A 914 2.12 22.64 26.02
C LYS A 914 3.21 22.18 26.98
N VAL A 915 2.98 21.03 27.63
CA VAL A 915 3.89 20.50 28.63
C VAL A 915 4.21 19.05 28.26
N LEU A 916 5.14 18.47 29.00
CA LEU A 916 5.47 17.06 28.88
C LEU A 916 4.82 16.32 30.05
N VAL A 917 4.01 15.32 29.75
CA VAL A 917 3.24 14.60 30.75
C VAL A 917 3.59 13.12 30.66
N ASP A 918 3.92 12.52 31.80
CA ASP A 918 4.20 11.10 31.89
C ASP A 918 2.88 10.35 32.01
N GLN A 919 2.65 9.41 31.09
CA GLN A 919 1.41 8.64 31.10
C GLN A 919 1.37 7.67 32.27
N SER A 920 2.51 7.11 32.65
CA SER A 920 2.58 6.12 33.72
C SER A 920 2.29 6.71 35.09
N LEU A 921 2.37 8.03 35.26
CA LEU A 921 2.11 8.65 36.56
C LEU A 921 0.64 8.67 36.93
N THR A 922 -0.26 8.53 35.95
CA THR A 922 -1.69 8.55 36.20
C THR A 922 -2.25 7.16 35.94
N LEU A 923 -2.94 6.61 36.93
CA LEU A 923 -3.56 5.30 36.77
C LEU A 923 -4.80 5.42 35.91
N VAL A 924 -5.16 4.31 35.28
CA VAL A 924 -6.33 4.26 34.41
C VAL A 924 -7.32 3.26 34.99
N LYS A 925 -8.59 3.41 34.58
CA LYS A 925 -9.66 2.59 35.13
C LYS A 925 -9.73 1.25 34.41
N LYS A 926 -10.18 0.24 35.16
CA LYS A 926 -10.18 -1.12 34.63
C LYS A 926 -11.27 -1.32 33.57
N ASN A 927 -12.47 -0.83 33.84
CA ASN A 927 -13.58 -0.91 32.90
C ASN A 927 -13.89 0.49 32.39
N ARG A 928 -13.94 0.64 31.08
CA ARG A 928 -14.13 1.95 30.49
C ARG A 928 -15.56 2.43 30.69
N ASP A 929 -15.72 3.75 30.80
CA ASP A 929 -16.97 4.43 31.14
C ASP A 929 -17.50 3.95 32.50
N THR A 930 -16.66 4.12 33.52
CA THR A 930 -17.04 3.90 34.92
C THR A 930 -16.65 5.16 35.68
N PRO A 931 -17.46 6.21 35.60
CA PRO A 931 -17.06 7.50 36.19
C PRO A 931 -16.94 7.47 37.70
N ASP A 932 -17.76 6.67 38.38
CA ASP A 932 -17.79 6.68 39.83
C ASP A 932 -16.76 5.77 40.46
N GLU A 933 -16.14 4.90 39.68
CA GLU A 933 -15.07 4.05 40.18
C GLU A 933 -13.73 4.76 40.10
N GLU A 934 -12.78 4.35 40.92
CA GLU A 934 -11.45 4.91 40.90
C GLU A 934 -10.61 4.25 39.81
N ALA A 935 -9.42 4.81 39.58
CA ALA A 935 -8.48 4.24 38.64
C ALA A 935 -7.44 3.41 39.38
N THR A 936 -7.28 2.14 38.98
CA THR A 936 -6.38 1.23 39.68
C THR A 936 -5.42 0.47 38.78
N GLU A 937 -5.34 0.79 37.49
CA GLU A 937 -4.49 0.05 36.57
C GLU A 937 -3.34 0.91 36.07
N GLU A 938 -2.23 0.26 35.73
CA GLU A 938 -1.05 0.94 35.24
C GLU A 938 -1.19 1.25 33.75
N ASN A 939 -0.35 2.16 33.28
CA ASN A 939 -0.44 2.65 31.90
C ASN A 939 0.94 2.76 31.26
N LYS A 940 1.75 1.71 31.37
CA LYS A 940 3.01 1.66 30.64
C LYS A 940 2.77 1.15 29.22
N GLN A 941 3.52 1.72 28.28
CA GLN A 941 3.33 1.44 26.85
C GLN A 941 4.12 0.20 26.40
N LYS A 942 5.32 0.01 26.93
CA LYS A 942 6.05 -1.21 26.63
C LYS A 942 5.37 -2.44 27.20
N ILE A 943 4.52 -2.27 28.22
CA ILE A 943 3.67 -3.36 28.68
C ILE A 943 2.64 -3.71 27.62
N LYS A 944 2.11 -2.71 26.91
CA LYS A 944 1.19 -2.99 25.80
C LYS A 944 1.90 -3.75 24.69
N LEU A 945 3.13 -3.34 24.37
CA LEU A 945 3.91 -4.06 23.36
C LEU A 945 4.19 -5.50 23.80
N LYS A 946 4.54 -5.67 25.07
CA LYS A 946 4.82 -6.99 25.63
C LYS A 946 3.59 -7.89 25.55
N GLN A 947 2.43 -7.35 25.89
CA GLN A 947 1.19 -8.13 25.85
C GLN A 947 0.81 -8.52 24.43
N LEU A 948 1.00 -7.62 23.47
CA LEU A 948 0.67 -7.98 22.10
C LEU A 948 1.65 -9.02 21.54
N SER A 949 2.92 -8.94 21.95
CA SER A 949 3.87 -9.97 21.53
C SER A 949 3.52 -11.32 22.12
N TYR A 950 3.10 -11.35 23.39
CA TYR A 950 2.68 -12.60 24.00
C TYR A 950 1.44 -13.16 23.31
N ILE A 951 0.50 -12.30 22.95
CA ILE A 951 -0.70 -12.74 22.25
C ILE A 951 -0.35 -13.31 20.87
N ARG A 952 0.59 -12.68 20.17
CA ARG A 952 0.99 -13.18 18.86
C ARG A 952 1.76 -14.49 18.96
N LYS A 953 2.58 -14.65 20.00
CA LYS A 953 3.25 -15.94 20.22
C LYS A 953 2.24 -17.03 20.52
N LEU A 954 1.22 -16.72 21.34
CA LEU A 954 0.18 -17.70 21.61
C LEU A 954 -0.58 -18.07 20.35
N GLN A 955 -0.86 -17.09 19.49
CA GLN A 955 -1.60 -17.39 18.26
C GLN A 955 -0.76 -18.20 17.29
N HIS A 956 0.56 -17.96 17.25
CA HIS A 956 1.43 -18.78 16.42
C HIS A 956 1.45 -20.23 16.89
N LYS A 957 1.70 -20.45 18.18
CA LYS A 957 1.64 -21.81 18.72
C LYS A 957 0.23 -22.38 18.69
N MET A 958 -0.76 -21.53 18.55
CA MET A 958 -2.15 -21.97 18.39
C MET A 958 -2.39 -22.51 17.00
N GLN A 959 -1.71 -21.94 16.00
CA GLN A 959 -1.78 -22.50 14.65
C GLN A 959 -0.96 -23.78 14.54
N THR A 960 0.30 -23.74 14.97
CA THR A 960 1.20 -24.86 14.69
C THR A 960 1.08 -26.01 15.69
N ASN A 961 0.80 -25.71 16.96
CA ASN A 961 0.81 -26.67 18.06
C ASN A 961 -0.53 -26.65 18.78
N GLU A 962 -1.60 -26.84 18.02
CA GLU A 962 -2.96 -26.58 18.48
C GLU A 962 -3.34 -27.41 19.70
N GLN A 963 -3.17 -28.73 19.62
CA GLN A 963 -3.57 -29.60 20.73
C GLN A 963 -2.75 -29.32 21.99
N ASP A 964 -1.49 -28.93 21.81
CA ASP A 964 -0.67 -28.47 22.92
C ASP A 964 -1.28 -27.21 23.55
N VAL A 965 -1.87 -26.33 22.74
CA VAL A 965 -2.50 -25.12 23.28
C VAL A 965 -3.78 -25.47 24.04
N LEU A 966 -4.59 -26.38 23.51
CA LEU A 966 -5.78 -26.82 24.25
C LEU A 966 -5.42 -27.56 25.53
N ASP A 967 -4.21 -28.14 25.60
CA ASP A 967 -3.79 -28.80 26.83
C ASP A 967 -3.53 -27.81 27.98
N LEU A 968 -3.50 -26.50 27.71
CA LEU A 968 -3.24 -25.54 28.77
C LEU A 968 -4.43 -25.34 29.70
N ILE A 969 -5.64 -25.68 29.24
CA ILE A 969 -6.86 -25.47 30.03
C ILE A 969 -7.52 -26.82 30.32
N ASN A 970 -6.69 -27.86 30.49
CA ASN A 970 -7.19 -29.23 30.53
C ASN A 970 -8.14 -29.48 31.70
N ASN A 971 -7.80 -28.97 32.88
CA ASN A 971 -8.55 -29.27 34.10
C ASN A 971 -8.92 -28.01 34.85
N GLU A 972 -9.30 -26.97 34.11
CA GLU A 972 -9.63 -25.65 34.66
C GLU A 972 -8.53 -25.12 35.59
N PRO A 973 -7.39 -24.74 35.05
CA PRO A 973 -6.24 -24.42 35.91
C PRO A 973 -6.40 -23.11 36.64
N SER A 974 -5.70 -23.01 37.77
CA SER A 974 -5.51 -21.73 38.43
C SER A 974 -4.50 -20.90 37.65
N ASP A 975 -4.44 -19.60 37.96
CA ASP A 975 -3.64 -18.67 37.16
C ASP A 975 -2.16 -18.98 37.23
N GLU A 976 -1.66 -19.39 38.39
CA GLU A 976 -0.24 -19.70 38.53
C GLU A 976 0.14 -20.94 37.72
N GLU A 977 -0.67 -22.00 37.80
CA GLU A 977 -0.31 -23.22 37.10
C GLU A 977 -0.57 -23.09 35.60
N PHE A 978 -1.56 -22.25 35.23
CA PHE A 978 -1.77 -21.91 33.83
C PHE A 978 -0.59 -21.11 33.26
N LYS A 979 -0.06 -20.17 34.04
CA LYS A 979 1.13 -19.43 33.62
C LYS A 979 2.33 -20.36 33.49
N LYS A 980 2.47 -21.31 34.43
CA LYS A 980 3.52 -22.31 34.33
C LYS A 980 3.35 -23.17 33.08
N ARG A 981 2.10 -23.46 32.71
CA ARG A 981 1.83 -24.21 31.50
C ARG A 981 2.22 -23.41 30.25
N ILE A 982 1.92 -22.12 30.23
CA ILE A 982 2.28 -21.28 29.08
C ILE A 982 3.80 -21.17 28.96
N GLU A 983 4.50 -21.13 30.10
CA GLU A 983 5.95 -20.99 30.08
C GLU A 983 6.66 -22.17 29.41
N GLY A 984 5.98 -23.30 29.26
CA GLY A 984 6.51 -24.41 28.50
C GLY A 984 6.12 -24.43 27.04
N LEU A 985 5.45 -23.37 26.56
CA LEU A 985 4.96 -23.31 25.19
C LEU A 985 5.38 -22.01 24.50
N ILE A 986 5.49 -20.95 25.28
CA ILE A 986 5.72 -19.60 24.76
C ILE A 986 7.03 -19.08 25.33
N SER A 987 7.81 -18.40 24.49
CA SER A 987 9.05 -17.78 24.93
C SER A 987 8.76 -16.42 25.53
N SER A 988 9.68 -15.92 26.35
CA SER A 988 9.48 -14.63 27.00
C SER A 988 9.63 -13.50 25.98
N PHE A 989 9.39 -12.27 26.45
CA PHE A 989 9.47 -11.13 25.55
C PHE A 989 10.91 -10.80 25.19
N GLY A 990 11.80 -10.80 26.18
CA GLY A 990 13.18 -10.43 25.94
C GLY A 990 13.59 -9.21 26.73
N GLU A 991 12.65 -8.64 27.47
CA GLU A 991 12.90 -7.49 28.33
C GLU A 991 12.08 -7.64 29.60
N GLY A 992 12.63 -7.18 30.71
CA GLY A 992 12.00 -7.38 32.00
C GLY A 992 12.28 -8.78 32.52
N GLN A 993 11.58 -9.15 33.59
CA GLN A 993 11.70 -10.50 34.09
C GLN A 993 10.99 -11.46 33.14
N LYS A 994 11.36 -12.73 33.21
CA LYS A 994 10.79 -13.74 32.33
C LYS A 994 9.30 -13.91 32.60
N TYR A 995 8.49 -13.62 31.58
CA TYR A 995 7.03 -13.66 31.65
C TYR A 995 6.51 -12.70 32.72
N ALA A 996 6.77 -11.41 32.50
CA ALA A 996 6.43 -10.39 33.48
C ALA A 996 4.95 -10.03 33.42
N ASP A 997 4.49 -9.58 32.25
CA ASP A 997 3.17 -8.98 32.14
C ASP A 997 2.31 -9.78 31.17
N LEU A 998 2.27 -11.09 31.37
CA LEU A 998 1.52 -11.99 30.51
C LEU A 998 0.02 -11.67 30.57
N PRO A 999 -0.66 -11.53 29.43
CA PRO A 999 -2.12 -11.25 29.43
C PRO A 999 -2.94 -12.52 29.64
N ILE A 1000 -2.98 -12.98 30.89
CA ILE A 1000 -3.56 -14.29 31.19
C ILE A 1000 -5.07 -14.30 30.97
N ASN A 1001 -5.75 -13.23 31.40
CA ASN A 1001 -7.20 -13.18 31.26
C ASN A 1001 -7.64 -13.02 29.82
N THR A 1002 -6.75 -12.59 28.93
CA THR A 1002 -7.03 -12.56 27.50
C THR A 1002 -6.57 -13.84 26.82
N MET A 1003 -5.48 -14.44 27.32
CA MET A 1003 -5.00 -15.69 26.76
C MET A 1003 -5.98 -16.83 27.02
N ARG A 1004 -6.46 -16.93 28.26
CA ARG A 1004 -7.40 -17.99 28.62
C ARG A 1004 -8.71 -17.85 27.86
N GLU A 1005 -9.13 -16.60 27.61
CA GLU A 1005 -10.33 -16.38 26.81
C GLU A 1005 -10.14 -16.86 25.37
N MET A 1006 -8.97 -16.60 24.78
CA MET A 1006 -8.72 -17.08 23.42
C MET A 1006 -8.64 -18.59 23.36
N ILE A 1007 -8.04 -19.22 24.37
CA ILE A 1007 -7.95 -20.68 24.36
C ILE A 1007 -9.32 -21.30 24.58
N SER A 1008 -10.16 -20.70 25.43
CA SER A 1008 -11.53 -21.18 25.59
C SER A 1008 -12.35 -21.00 24.32
N ASP A 1009 -12.15 -19.88 23.62
CA ASP A 1009 -12.82 -19.69 22.34
C ASP A 1009 -12.35 -20.72 21.31
N LEU A 1010 -11.06 -21.06 21.33
CA LEU A 1010 -10.56 -22.09 20.42
C LEU A 1010 -11.14 -23.46 20.76
N GLN A 1011 -11.28 -23.76 22.05
CA GLN A 1011 -11.93 -25.00 22.46
C GLN A 1011 -13.37 -25.06 21.99
N GLY A 1012 -14.08 -23.93 22.08
CA GLY A 1012 -15.43 -23.86 21.57
C GLY A 1012 -15.52 -24.02 20.06
N VAL A 1013 -14.60 -23.41 19.32
CA VAL A 1013 -14.61 -23.52 17.87
C VAL A 1013 -14.23 -24.92 17.42
N ILE A 1014 -13.31 -25.58 18.12
CA ILE A 1014 -12.97 -26.96 17.77
C ILE A 1014 -14.12 -27.89 18.11
N ALA A 1015 -14.82 -27.63 19.21
CA ALA A 1015 -16.13 -28.24 19.41
C ALA A 1015 -17.14 -27.66 18.44
N ARG A 1016 -18.37 -28.19 18.49
CA ARG A 1016 -19.52 -27.77 17.68
C ARG A 1016 -19.21 -27.62 16.18
N GLY A 1017 -18.26 -28.39 15.65
CA GLY A 1017 -18.10 -28.49 14.21
C GLY A 1017 -16.71 -28.31 13.64
N ASN A 1018 -15.80 -27.64 14.37
CA ASN A 1018 -14.43 -27.40 13.93
C ASN A 1018 -14.39 -26.64 12.60
N ASN A 1019 -15.05 -25.48 12.57
CA ASN A 1019 -14.99 -24.64 11.39
C ASN A 1019 -13.61 -23.99 11.26
N GLN A 1020 -13.17 -23.77 10.03
CA GLN A 1020 -11.84 -23.21 9.83
C GLN A 1020 -11.82 -21.70 9.86
N THR A 1021 -12.87 -21.03 9.35
CA THR A 1021 -12.89 -19.56 9.40
C THR A 1021 -13.04 -19.06 10.83
N GLU A 1022 -13.86 -19.72 11.63
CA GLU A 1022 -14.00 -19.34 13.04
C GLU A 1022 -12.71 -19.58 13.81
N LYS A 1023 -11.93 -20.58 13.40
CA LYS A 1023 -10.59 -20.76 13.94
C LYS A 1023 -9.68 -19.63 13.51
N ASN A 1024 -9.72 -19.26 12.23
CA ASN A 1024 -8.83 -18.23 11.70
C ASN A 1024 -9.11 -16.88 12.33
N LYS A 1025 -10.35 -16.66 12.77
CA LYS A 1025 -10.63 -15.44 13.54
C LYS A 1025 -9.97 -15.45 14.91
N ILE A 1026 -9.48 -16.59 15.37
CA ILE A 1026 -8.78 -16.69 16.65
C ILE A 1026 -7.30 -16.95 16.47
N ILE A 1027 -6.93 -17.92 15.62
CA ILE A 1027 -5.55 -18.38 15.55
C ILE A 1027 -4.64 -17.47 14.73
N GLU A 1028 -5.20 -16.64 13.85
CA GLU A 1028 -4.36 -15.79 13.01
C GLU A 1028 -3.74 -14.67 13.83
N LEU A 1029 -2.56 -14.24 13.42
CA LEU A 1029 -1.80 -13.26 14.18
C LEU A 1029 -2.50 -11.90 14.18
N ASP A 1030 -2.46 -11.23 15.32
CA ASP A 1030 -2.97 -9.86 15.42
C ASP A 1030 -1.93 -8.90 14.87
N ALA A 1031 -2.39 -7.91 14.12
CA ALA A 1031 -1.48 -6.92 13.55
C ALA A 1031 -0.86 -6.09 14.67
N ALA A 1032 0.47 -5.97 14.64
CA ALA A 1032 1.20 -5.25 15.67
C ALA A 1032 1.54 -3.82 15.26
N ASP A 1033 1.29 -3.44 14.01
CA ASP A 1033 1.84 -2.20 13.50
C ASP A 1033 1.14 -0.97 14.08
N ASN A 1034 -0.16 -1.08 14.34
CA ASN A 1034 -0.92 0.08 14.82
C ASN A 1034 -0.56 0.44 16.25
N LEU A 1035 -0.41 -0.57 17.12
CA LEU A 1035 -0.08 -0.32 18.52
C LEU A 1035 1.28 0.34 18.65
N LYS A 1036 2.31 -0.25 18.03
CA LYS A 1036 3.63 0.33 18.11
C LYS A 1036 3.75 1.60 17.29
N GLN A 1037 2.91 1.79 16.27
CA GLN A 1037 2.89 3.05 15.56
C GLN A 1037 2.39 4.18 16.46
N GLY A 1038 1.31 3.95 17.21
CA GLY A 1038 0.83 4.96 18.13
C GLY A 1038 1.79 5.21 19.29
N ILE A 1039 2.38 4.13 19.81
CA ILE A 1039 3.35 4.26 20.90
C ILE A 1039 4.56 5.05 20.45
N VAL A 1040 5.04 4.82 19.23
CA VAL A 1040 6.12 5.61 18.68
C VAL A 1040 5.69 7.05 18.41
N ALA A 1041 4.42 7.24 17.99
CA ALA A 1041 3.93 8.58 17.68
C ALA A 1041 3.93 9.48 18.90
N ASN A 1042 3.69 8.91 20.08
CA ASN A 1042 3.89 9.66 21.32
C ASN A 1042 5.31 10.21 21.41
N MET A 1043 6.31 9.36 21.16
CA MET A 1043 7.70 9.76 21.27
C MET A 1043 8.10 10.75 20.18
N ILE A 1044 7.50 10.62 19.00
CA ILE A 1044 7.77 11.55 17.92
C ILE A 1044 7.20 12.92 18.24
N GLY A 1045 6.03 12.95 18.89
CA GLY A 1045 5.53 14.21 19.41
C GLY A 1045 6.46 14.83 20.45
N ILE A 1046 7.08 13.99 21.29
CA ILE A 1046 8.05 14.50 22.26
C ILE A 1046 9.24 15.14 21.57
N VAL A 1047 9.78 14.45 20.56
CA VAL A 1047 10.96 14.95 19.86
C VAL A 1047 10.62 16.24 19.10
N ASN A 1048 9.42 16.31 18.52
CA ASN A 1048 8.97 17.54 17.87
C ASN A 1048 8.86 18.69 18.87
N TYR A 1049 8.32 18.42 20.06
CA TYR A 1049 8.22 19.46 21.07
C TYR A 1049 9.59 19.99 21.46
N ILE A 1050 10.57 19.10 21.63
CA ILE A 1050 11.91 19.55 22.02
C ILE A 1050 12.58 20.29 20.87
N PHE A 1051 12.42 19.79 19.64
CA PHE A 1051 13.00 20.42 18.46
C PHE A 1051 12.46 21.83 18.26
N ALA A 1052 11.15 22.02 18.43
CA ALA A 1052 10.57 23.35 18.34
C ALA A 1052 10.88 24.19 19.58
N LYS A 1053 11.13 23.54 20.72
CA LYS A 1053 11.53 24.25 21.92
C LYS A 1053 12.87 24.93 21.74
N TYR A 1054 13.82 24.27 21.09
CA TYR A 1054 15.14 24.85 20.88
C TYR A 1054 15.21 25.69 19.60
N SER A 1055 14.06 26.21 19.15
CA SER A 1055 13.94 27.16 18.04
C SER A 1055 14.48 26.59 16.74
N TYR A 1056 14.38 25.27 16.57
CA TYR A 1056 14.75 24.52 15.37
C TYR A 1056 16.24 24.59 15.04
N LYS A 1057 17.04 25.24 15.87
CA LYS A 1057 18.49 25.24 15.70
C LYS A 1057 19.08 24.08 16.48
N ALA A 1058 18.82 22.88 15.96
CA ALA A 1058 19.20 21.67 16.67
C ALA A 1058 19.64 20.60 15.69
N TYR A 1059 20.41 19.66 16.21
CA TYR A 1059 20.85 18.49 15.47
C TYR A 1059 20.34 17.24 16.17
N ILE A 1060 20.04 16.21 15.38
CA ILE A 1060 19.51 14.96 15.90
C ILE A 1060 20.45 13.83 15.52
N SER A 1061 20.76 12.95 16.47
CA SER A 1061 21.70 11.87 16.24
C SER A 1061 21.02 10.54 16.56
N LEU A 1062 21.19 9.57 15.65
CA LEU A 1062 20.58 8.25 15.77
C LEU A 1062 21.64 7.20 15.49
N GLU A 1063 21.37 5.96 15.88
CA GLU A 1063 22.30 4.89 15.52
C GLU A 1063 22.16 4.54 14.05
N ASP A 1064 23.12 3.76 13.57
CA ASP A 1064 22.99 3.02 12.32
C ASP A 1064 22.74 1.56 12.71
N LEU A 1065 21.49 1.23 12.98
CA LEU A 1065 21.12 -0.13 13.39
C LEU A 1065 20.77 -1.00 12.20
N SER A 1066 21.65 -1.05 11.21
CA SER A 1066 21.41 -1.85 10.01
C SER A 1066 22.25 -3.11 9.96
N ARG A 1067 23.28 -3.22 10.78
CA ARG A 1067 24.17 -4.38 10.79
C ARG A 1067 23.90 -5.21 12.05
N ALA A 1068 23.64 -6.49 11.85
CA ALA A 1068 23.46 -7.43 12.94
C ALA A 1068 24.77 -8.18 13.15
N TYR A 1069 25.45 -7.91 14.26
CA TYR A 1069 26.73 -8.53 14.54
C TYR A 1069 26.63 -10.00 14.88
N GLY A 1070 25.49 -10.46 15.41
CA GLY A 1070 25.35 -11.84 15.79
C GLY A 1070 23.95 -12.35 15.46
N GLY A 1071 23.69 -13.58 15.86
CA GLY A 1071 22.40 -14.20 15.62
C GLY A 1071 21.41 -13.91 16.72
N ALA A 1072 20.21 -14.46 16.55
CA ALA A 1072 19.15 -14.34 17.54
C ALA A 1072 18.19 -15.50 17.35
N LYS A 1073 17.30 -15.67 18.32
CA LYS A 1073 16.24 -16.66 18.23
C LYS A 1073 14.93 -15.94 17.93
N SER A 1074 14.16 -16.49 17.00
CA SER A 1074 12.89 -15.90 16.62
C SER A 1074 11.92 -15.92 17.80
N GLY A 1075 10.99 -14.96 17.81
CA GLY A 1075 10.02 -14.92 18.89
C GLY A 1075 8.92 -15.94 18.71
N TYR A 1076 8.61 -16.29 17.47
CA TYR A 1076 7.53 -17.21 17.19
C TYR A 1076 7.92 -18.64 17.54
N ASP A 1077 8.90 -19.17 16.83
CA ASP A 1077 9.51 -20.47 17.05
C ASP A 1077 10.72 -20.32 17.96
N GLY A 1078 11.55 -21.35 18.00
CA GLY A 1078 12.89 -21.22 18.56
C GLY A 1078 13.89 -21.08 17.44
N ARG A 1079 13.41 -20.62 16.29
CA ARG A 1079 14.18 -20.58 15.06
C ARG A 1079 15.36 -19.62 15.17
N TYR A 1080 16.48 -19.96 14.54
CA TYR A 1080 17.66 -19.12 14.54
C TYR A 1080 17.54 -18.03 13.48
N LEU A 1081 17.82 -16.80 13.88
CA LEU A 1081 17.81 -15.66 12.96
C LEU A 1081 19.25 -15.29 12.64
N PRO A 1082 19.69 -15.40 11.39
CA PRO A 1082 21.11 -15.21 11.08
C PRO A 1082 21.54 -13.76 11.25
N SER A 1083 22.86 -13.58 11.30
CA SER A 1083 23.45 -12.26 11.44
C SER A 1083 23.52 -11.58 10.07
N THR A 1084 24.15 -10.42 10.00
CA THR A 1084 24.38 -9.76 8.72
C THR A 1084 25.58 -10.37 8.00
N SER A 1085 26.54 -10.92 8.74
CA SER A 1085 27.66 -11.61 8.12
C SER A 1085 27.20 -12.85 7.37
N GLN A 1086 26.27 -13.62 7.96
CA GLN A 1086 25.81 -14.85 7.32
C GLN A 1086 24.88 -14.55 6.15
N ASP A 1087 24.05 -13.52 6.28
CA ASP A 1087 23.15 -13.10 5.22
C ASP A 1087 23.19 -11.59 5.17
N GLU A 1088 23.67 -11.02 4.06
CA GLU A 1088 23.95 -9.59 3.99
C GLU A 1088 22.69 -8.74 3.95
N ASP A 1089 21.51 -9.34 3.74
CA ASP A 1089 20.27 -8.59 3.76
C ASP A 1089 19.60 -8.59 5.12
N VAL A 1090 20.25 -9.13 6.15
CA VAL A 1090 19.69 -9.12 7.49
C VAL A 1090 19.90 -7.75 8.11
N ASP A 1091 18.81 -7.11 8.51
CA ASP A 1091 18.81 -5.82 9.17
C ASP A 1091 18.68 -6.08 10.67
N PHE A 1092 19.44 -5.33 11.48
CA PHE A 1092 19.40 -5.53 12.92
C PHE A 1092 18.03 -5.20 13.49
N LYS A 1093 17.40 -4.14 12.97
CA LYS A 1093 16.09 -3.75 13.44
C LYS A 1093 15.05 -4.82 13.15
N GLU A 1094 15.09 -5.42 11.96
CA GLU A 1094 14.14 -6.46 11.62
C GLU A 1094 14.45 -7.79 12.29
N GLN A 1095 15.74 -8.10 12.49
CA GLN A 1095 16.10 -9.27 13.28
C GLN A 1095 15.59 -9.15 14.71
N GLN A 1096 15.74 -7.98 15.32
CA GLN A 1096 15.20 -7.77 16.66
C GLN A 1096 13.67 -7.71 16.65
N ASN A 1097 13.07 -7.27 15.55
CA ASN A 1097 11.62 -7.28 15.42
C ASN A 1097 11.10 -8.71 15.45
N GLN A 1098 11.75 -9.60 14.69
CA GLN A 1098 11.34 -11.00 14.69
C GLN A 1098 11.69 -11.69 16.00
N MET A 1099 12.72 -11.18 16.68
CA MET A 1099 13.07 -11.72 18.00
C MET A 1099 11.97 -11.45 19.01
N LEU A 1100 11.27 -10.33 18.87
CA LEU A 1100 10.15 -9.96 19.75
C LEU A 1100 8.81 -10.38 19.19
N ALA A 1101 8.79 -11.31 18.24
CA ALA A 1101 7.57 -11.78 17.55
C ALA A 1101 6.83 -10.65 16.83
N GLY A 1102 7.56 -9.67 16.34
CA GLY A 1102 6.97 -8.61 15.53
C GLY A 1102 6.70 -7.31 16.24
N LEU A 1103 7.29 -7.07 17.42
CA LEU A 1103 6.99 -5.90 18.23
C LEU A 1103 8.22 -5.01 18.42
N GLY A 1104 9.05 -4.90 17.39
CA GLY A 1104 10.21 -4.01 17.44
C GLY A 1104 9.86 -2.61 16.96
N THR A 1105 10.38 -1.62 17.69
CA THR A 1105 10.02 -0.22 17.47
C THR A 1105 11.22 0.63 17.05
N TYR A 1106 12.19 0.03 16.37
CA TYR A 1106 13.36 0.79 15.93
C TYR A 1106 13.09 1.50 14.60
N GLN A 1107 12.69 0.73 13.58
CA GLN A 1107 12.45 1.31 12.28
C GLN A 1107 11.20 2.18 12.28
N PHE A 1108 10.24 1.88 13.14
CA PHE A 1108 9.08 2.76 13.28
C PHE A 1108 9.50 4.12 13.81
N PHE A 1109 10.38 4.15 14.81
CA PHE A 1109 10.89 5.42 15.32
C PHE A 1109 11.68 6.17 14.25
N GLU A 1110 12.52 5.45 13.51
CA GLU A 1110 13.30 6.08 12.44
C GLU A 1110 12.39 6.70 11.38
N MET A 1111 11.46 5.91 10.85
CA MET A 1111 10.61 6.38 9.75
C MET A 1111 9.67 7.49 10.22
N GLN A 1112 9.11 7.36 11.43
CA GLN A 1112 8.18 8.38 11.89
C GLN A 1112 8.90 9.68 12.25
N LEU A 1113 10.11 9.59 12.81
CA LEU A 1113 10.87 10.80 13.08
C LEU A 1113 11.27 11.49 11.79
N LEU A 1114 11.70 10.73 10.79
CA LEU A 1114 12.14 11.35 9.55
C LEU A 1114 10.97 11.88 8.72
N LYS A 1115 9.81 11.22 8.81
CA LYS A 1115 8.63 11.75 8.13
C LYS A 1115 8.03 12.93 8.87
N LYS A 1116 8.32 13.05 10.17
CA LYS A 1116 7.94 14.24 10.91
C LYS A 1116 8.82 15.42 10.56
N LEU A 1117 10.13 15.19 10.40
CA LEU A 1117 11.09 16.27 10.27
C LEU A 1117 11.10 16.90 8.89
N GLN A 1118 10.53 16.23 7.89
CA GLN A 1118 10.45 16.82 6.56
C GLN A 1118 9.22 17.68 6.37
N LYS A 1119 8.36 17.76 7.38
CA LYS A 1119 7.12 18.50 7.26
C LYS A 1119 6.80 19.28 8.55
N ILE A 1120 7.83 19.68 9.31
CA ILE A 1120 7.60 20.37 10.58
C ILE A 1120 6.91 21.69 10.30
N GLN A 1121 5.73 21.87 10.87
CA GLN A 1121 4.82 22.94 10.47
C GLN A 1121 4.72 23.98 11.56
N SER A 1122 5.10 25.21 11.23
CA SER A 1122 4.84 26.38 12.07
C SER A 1122 3.40 26.84 11.87
N ASP A 1123 3.11 28.08 12.28
CA ASP A 1123 1.76 28.63 12.23
C ASP A 1123 1.11 28.52 10.85
N ASN A 1124 1.83 28.93 9.81
CA ASN A 1124 1.32 28.83 8.44
C ASN A 1124 2.38 28.39 7.44
N THR A 1125 3.60 28.09 7.89
CA THR A 1125 4.69 27.73 7.01
C THR A 1125 5.21 26.34 7.35
N VAL A 1126 5.61 25.60 6.32
CA VAL A 1126 6.18 24.28 6.47
C VAL A 1126 7.70 24.41 6.46
N LEU A 1127 8.35 23.89 7.49
CA LEU A 1127 9.80 23.93 7.62
C LEU A 1127 10.33 22.51 7.47
N ARG A 1128 11.24 22.33 6.51
CA ARG A 1128 11.77 21.01 6.18
C ARG A 1128 13.19 20.89 6.71
N PHE A 1129 13.45 19.83 7.47
CA PHE A 1129 14.73 19.68 8.15
C PHE A 1129 15.49 18.43 7.74
N VAL A 1130 14.90 17.52 6.97
CA VAL A 1130 15.61 16.37 6.42
C VAL A 1130 15.32 16.35 4.92
N PRO A 1131 16.20 15.79 4.07
CA PRO A 1131 15.95 15.80 2.63
C PRO A 1131 14.71 15.03 2.21
N ALA A 1132 14.23 15.27 1.00
CA ALA A 1132 13.05 14.57 0.52
C ALA A 1132 13.38 13.10 0.31
N PHE A 1133 12.49 12.24 0.78
CA PHE A 1133 12.68 10.81 0.66
C PHE A 1133 11.32 10.14 0.69
N ARG A 1134 11.23 8.97 0.07
CA ARG A 1134 10.02 8.17 0.11
C ARG A 1134 10.23 6.83 0.79
N SER A 1135 11.22 6.06 0.35
CA SER A 1135 11.47 4.73 0.87
C SER A 1135 12.53 4.80 1.97
N ALA A 1136 12.91 3.62 2.47
CA ALA A 1136 13.98 3.54 3.45
C ALA A 1136 15.35 3.44 2.81
N ASP A 1137 15.42 3.02 1.54
CA ASP A 1137 16.68 3.05 0.81
C ASP A 1137 17.06 4.46 0.38
N ASN A 1138 16.24 5.46 0.70
CA ASN A 1138 16.56 6.84 0.38
C ASN A 1138 17.27 7.53 1.54
N TYR A 1139 16.95 7.17 2.78
CA TYR A 1139 17.66 7.74 3.92
C TYR A 1139 18.78 6.83 4.40
N ARG A 1140 18.60 5.51 4.29
CA ARG A 1140 19.75 4.63 4.24
C ARG A 1140 20.33 4.68 2.85
N ASN A 1141 21.55 4.16 2.70
CA ASN A 1141 22.29 4.17 1.43
C ASN A 1141 22.48 5.62 0.94
N ILE A 1142 23.12 6.42 1.79
CA ILE A 1142 23.50 7.77 1.45
C ILE A 1142 25.00 7.90 1.70
N LEU A 1143 25.57 9.00 1.21
CA LEU A 1143 27.00 9.21 1.40
C LEU A 1143 27.29 9.56 2.84
N ARG A 1144 28.20 8.80 3.45
CA ARG A 1144 28.67 9.15 4.79
C ARG A 1144 29.75 10.21 4.70
N LEU A 1145 29.81 11.05 5.73
CA LEU A 1145 30.86 12.04 5.82
C LEU A 1145 32.20 11.37 6.15
N GLU A 1146 33.28 12.02 5.74
CA GLU A 1146 34.63 11.52 5.99
C GLU A 1146 35.45 12.55 6.76
N GLU A 1147 36.70 12.18 7.03
CA GLU A 1147 37.71 13.05 7.63
C GLU A 1147 37.29 13.54 9.02
N THR A 1148 36.71 12.63 9.81
CA THR A 1148 36.32 12.93 11.18
C THR A 1148 36.70 11.76 12.07
N LYS A 1149 36.12 11.76 13.27
CA LYS A 1149 36.38 10.68 14.22
C LYS A 1149 35.45 9.50 13.97
N TYR A 1150 34.17 9.77 13.74
CA TYR A 1150 33.15 8.73 13.65
C TYR A 1150 32.53 8.69 12.27
N LYS A 1151 32.13 7.49 11.86
CA LYS A 1151 31.45 7.31 10.60
C LYS A 1151 29.98 7.67 10.76
N SER A 1152 29.56 8.77 10.14
CA SER A 1152 28.22 9.28 10.28
C SER A 1152 27.63 9.53 8.90
N LYS A 1153 26.34 9.24 8.75
CA LYS A 1153 25.61 9.52 7.53
C LYS A 1153 24.66 10.66 7.82
N PRO A 1154 24.97 11.87 7.38
CA PRO A 1154 24.09 13.01 7.65
C PRO A 1154 22.88 13.03 6.73
N PHE A 1155 21.69 13.08 7.29
CA PHE A 1155 20.45 13.19 6.54
C PHE A 1155 19.74 14.43 7.05
N GLY A 1156 20.10 15.59 6.49
CA GLY A 1156 19.57 16.84 7.00
C GLY A 1156 20.13 17.13 8.37
N VAL A 1157 19.24 17.34 9.35
CA VAL A 1157 19.65 17.53 10.74
C VAL A 1157 19.80 16.21 11.47
N VAL A 1158 19.57 15.08 10.81
CA VAL A 1158 19.69 13.77 11.44
C VAL A 1158 20.98 13.11 10.98
N HIS A 1159 21.79 12.68 11.95
CA HIS A 1159 23.04 12.00 11.67
C HIS A 1159 22.93 10.57 12.15
N PHE A 1160 23.07 9.62 11.23
CA PHE A 1160 23.03 8.20 11.55
C PHE A 1160 24.46 7.74 11.84
N ILE A 1161 24.88 7.95 13.08
CA ILE A 1161 26.23 7.55 13.47
C ILE A 1161 26.31 6.03 13.61
N ASP A 1162 27.53 5.52 13.62
CA ASP A 1162 27.74 4.11 13.88
C ASP A 1162 27.43 3.80 15.34
N PRO A 1163 26.73 2.70 15.63
CA PRO A 1163 26.37 2.40 17.03
C PRO A 1163 27.50 1.80 17.84
N LYS A 1164 28.71 1.71 17.30
CA LYS A 1164 29.82 1.09 18.01
C LYS A 1164 30.24 1.94 19.20
N PHE A 1165 30.15 1.33 20.40
CA PHE A 1165 30.55 1.95 21.67
C PHE A 1165 29.76 3.23 21.96
N THR A 1166 28.45 3.08 22.07
CA THR A 1166 27.59 4.13 22.60
C THR A 1166 27.24 3.85 24.06
N SER A 1167 26.71 2.68 24.35
CA SER A 1167 26.42 2.29 25.73
C SER A 1167 27.71 1.92 26.46
N ASN A 1205 27.64 19.07 32.86
CA ASN A 1205 26.62 18.38 33.65
C ASN A 1205 26.63 16.89 33.38
N ILE A 1206 27.80 16.27 33.54
CA ILE A 1206 27.97 14.85 33.25
C ILE A 1206 27.15 13.99 34.20
N HIS A 1207 26.88 14.49 35.41
CA HIS A 1207 26.18 13.71 36.44
C HIS A 1207 24.71 13.48 36.12
N TYR A 1208 24.17 14.11 35.07
CA TYR A 1208 22.79 13.89 34.67
C TYR A 1208 22.53 12.47 34.18
N ILE A 1209 23.57 11.70 33.87
CA ILE A 1209 23.41 10.30 33.50
C ILE A 1209 23.13 9.50 34.75
N HIS A 1210 22.02 8.76 34.75
CA HIS A 1210 21.64 7.91 35.87
C HIS A 1210 21.47 6.45 35.50
N ASN A 1211 21.13 6.14 34.26
CA ASN A 1211 20.89 4.79 33.81
C ASN A 1211 22.01 4.32 32.89
N GLY A 1212 21.86 3.10 32.39
CA GLY A 1212 22.78 2.59 31.38
C GLY A 1212 22.49 3.05 29.98
N ASP A 1213 21.29 3.58 29.73
CA ASP A 1213 20.92 4.07 28.42
C ASP A 1213 20.75 5.58 28.34
N ASP A 1214 20.70 6.28 29.49
CA ASP A 1214 20.98 7.71 29.49
C ASP A 1214 22.40 7.96 29.01
N ASN A 1215 23.33 7.10 29.44
CA ASN A 1215 24.69 7.14 28.95
C ASN A 1215 24.73 6.89 27.44
N GLY A 1216 23.91 5.97 26.96
CA GLY A 1216 23.87 5.69 25.53
C GLY A 1216 23.38 6.87 24.72
N ALA A 1217 22.32 7.54 25.17
CA ALA A 1217 21.80 8.70 24.46
C ALA A 1217 22.79 9.86 24.51
N TYR A 1218 23.45 10.06 25.65
CA TYR A 1218 24.47 11.10 25.75
C TYR A 1218 25.63 10.83 24.81
N HIS A 1219 26.05 9.56 24.69
CA HIS A 1219 27.15 9.25 23.79
C HIS A 1219 26.75 9.35 22.32
N ILE A 1220 25.51 9.01 21.99
CA ILE A 1220 25.02 9.20 20.63
C ILE A 1220 25.00 10.69 20.28
N ALA A 1221 24.58 11.53 21.21
CA ALA A 1221 24.62 12.97 20.98
C ALA A 1221 26.04 13.50 20.89
N LEU A 1222 26.94 12.97 21.72
CA LEU A 1222 28.31 13.47 21.78
C LEU A 1222 29.09 13.11 20.53
N LYS A 1223 28.86 11.92 19.99
CA LYS A 1223 29.52 11.53 18.75
C LYS A 1223 29.10 12.40 17.58
N SER A 1224 27.92 13.01 17.64
CA SER A 1224 27.52 13.98 16.62
C SER A 1224 28.04 15.38 16.93
N VAL A 1225 28.12 15.74 18.22
CA VAL A 1225 28.72 17.02 18.62
C VAL A 1225 30.16 17.11 18.15
N GLU A 1226 30.92 16.02 18.33
CA GLU A 1226 32.35 16.04 18.03
C GLU A 1226 32.61 16.23 16.54
N ASN A 1227 31.91 15.48 15.69
CA ASN A 1227 32.21 15.63 14.28
C ASN A 1227 31.44 16.77 13.63
N LEU A 1228 30.45 17.37 14.31
CA LEU A 1228 29.96 18.66 13.84
C LEU A 1228 30.89 19.79 14.23
N ILE A 1229 31.64 19.63 15.32
CA ILE A 1229 32.72 20.57 15.62
C ILE A 1229 33.82 20.45 14.59
N GLN A 1230 34.24 19.22 14.29
CA GLN A 1230 35.38 19.01 13.41
C GLN A 1230 35.03 19.30 11.94
N MET A 1231 33.86 18.87 11.49
CA MET A 1231 33.51 19.00 10.07
C MET A 1231 33.33 20.46 9.66
N LYS A 1232 32.66 21.26 10.48
CA LYS A 1232 32.46 22.67 10.14
C LYS A 1232 33.57 23.53 10.73
#